data_3RM8
#
_entry.id   3RM8
#
_cell.length_a   63.684
_cell.length_b   89.248
_cell.length_c   125.804
_cell.angle_alpha   90.00
_cell.angle_beta   90.00
_cell.angle_gamma   90.00
#
_symmetry.space_group_name_H-M   'P 21 21 21'
#
loop_
_entity.id
_entity.type
_entity.pdbx_description
1 polymer 'Acidic mammalian chitinase'
2 non-polymer 2-methyl-3-{[4-(pyridin-2-yl)piperazin-1-yl]methyl}-1H-indole
3 water water
#
_entity_poly.entity_id   1
_entity_poly.type   'polypeptide(L)'
_entity_poly.pdbx_seq_one_letter_code
;YQLTCYFTNWAQYRPGLGRFMPDDINPCLCTHLIYAFAGMQNNEITTIEWNDVTLYQAFNGLKNKNSQLKTLLAIGGWNF
GTAPFTAMVSTPENRQTFITSVIKFLRQYEFDGLDFDWEYPGSRGSPPQDKHLFTVLVQEMREAFEQEAKQINKPRLMVT
AAVAAGISNIQSGYEIPQLSQYLDYIHVMTYDLHGSWEGYTGENSPLYKYPTDTGSNAYLNVDYVMNYWKDNGAPAEKLI
VGFPTYGHNFILSNPSNTGIGAPTSGAGPAGPYAKESGIWAYYEICTFLKNGATQGWDAPQEVPYAYQGNVWVGYDNVKS
FDIKAQWLKHNKFGGAMVWAIDLDDFTGTFCNQGKFPLISTLKKALGLQSASCTAPAQPIEPITAAPGSHHHHHH
;
_entity_poly.pdbx_strand_id   A,B
#
# COMPACT_ATOMS: atom_id res chain seq x y z
N TYR A 1 20.75 -5.48 -26.84
CA TYR A 1 19.69 -5.74 -25.82
C TYR A 1 19.57 -4.59 -24.83
N GLN A 2 18.36 -4.31 -24.39
CA GLN A 2 18.15 -3.36 -23.30
C GLN A 2 18.29 -4.09 -21.96
N LEU A 3 18.83 -3.38 -20.97
CA LEU A 3 18.79 -3.83 -19.59
C LEU A 3 18.17 -2.72 -18.76
N THR A 4 16.94 -2.97 -18.34
CA THR A 4 16.06 -1.97 -17.75
C THR A 4 15.82 -2.30 -16.29
N CYS A 5 16.11 -1.36 -15.40
CA CYS A 5 16.11 -1.64 -13.98
C CYS A 5 15.18 -0.70 -13.23
N TYR A 6 14.25 -1.28 -12.48
CA TYR A 6 13.30 -0.50 -11.66
C TYR A 6 13.93 -0.14 -10.31
N PHE A 7 13.71 1.11 -9.91
CA PHE A 7 14.12 1.62 -8.60
C PHE A 7 12.85 1.99 -7.84
N THR A 8 12.81 1.70 -6.54
CA THR A 8 11.60 1.95 -5.76
C THR A 8 11.85 3.06 -4.75
N ASN A 9 10.92 4.01 -4.70
CA ASN A 9 11.05 5.17 -3.81
C ASN A 9 10.73 4.93 -2.33
N TRP A 10 10.45 3.67 -1.96
CA TRP A 10 10.31 3.30 -0.55
C TRP A 10 11.48 2.47 -0.02
N ALA A 11 12.43 2.14 -0.89
CA ALA A 11 13.67 1.46 -0.47
C ALA A 11 14.50 2.33 0.49
N GLN A 12 14.31 3.65 0.39
CA GLN A 12 14.95 4.61 1.30
C GLN A 12 14.63 4.38 2.78
N TYR A 13 13.49 3.72 3.05
CA TYR A 13 13.00 3.54 4.42
C TYR A 13 13.48 2.24 5.08
N ARG A 14 14.24 1.44 4.36
CA ARG A 14 14.76 0.18 4.89
C ARG A 14 15.92 0.45 5.86
N PRO A 15 16.01 -0.35 6.95
CA PRO A 15 17.01 -0.12 7.99
C PRO A 15 18.43 -0.48 7.54
N GLY A 16 19.41 0.19 8.13
CA GLY A 16 20.83 -0.15 7.95
C GLY A 16 21.27 -0.37 6.52
N LEU A 17 21.87 -1.54 6.28
CA LEU A 17 22.41 -1.92 4.96
C LEU A 17 21.36 -2.06 3.86
N GLY A 18 20.09 -2.08 4.25
CA GLY A 18 18.98 -2.18 3.31
C GLY A 18 18.60 -0.87 2.64
N ARG A 19 18.96 0.25 3.28
CA ARG A 19 18.63 1.57 2.75
C ARG A 19 19.27 1.76 1.37
N PHE A 20 18.43 2.11 0.39
CA PHE A 20 18.88 2.31 -0.98
C PHE A 20 18.33 3.61 -1.57
N MET A 21 19.24 4.46 -2.00
CA MET A 21 18.93 5.77 -2.57
C MET A 21 19.34 5.82 -4.05
N PRO A 22 18.84 6.81 -4.81
CA PRO A 22 19.28 6.95 -6.20
C PRO A 22 20.80 6.96 -6.38
N ASP A 23 21.53 7.61 -5.47
CA ASP A 23 22.99 7.66 -5.57
C ASP A 23 23.72 6.34 -5.27
N ASP A 24 22.97 5.30 -4.90
CA ASP A 24 23.50 3.95 -4.73
C ASP A 24 23.45 3.14 -6.03
N ILE A 25 22.78 3.70 -7.04
CA ILE A 25 22.72 3.07 -8.37
C ILE A 25 24.03 3.28 -9.11
N ASN A 26 24.61 2.18 -9.62
CA ASN A 26 25.70 2.24 -10.56
C ASN A 26 25.16 2.72 -11.91
N PRO A 27 25.55 3.94 -12.34
CA PRO A 27 24.99 4.51 -13.58
C PRO A 27 25.36 3.73 -14.84
N CYS A 28 26.36 2.84 -14.71
CA CYS A 28 26.88 2.04 -15.83
C CYS A 28 26.26 0.65 -15.92
N LEU A 29 25.39 0.32 -14.98
CA LEU A 29 24.89 -1.05 -14.85
C LEU A 29 23.78 -1.36 -15.84
N CYS A 30 22.79 -0.48 -15.90
CA CYS A 30 21.61 -0.67 -16.74
C CYS A 30 21.59 0.35 -17.87
N THR A 31 20.87 0.02 -18.95
CA THR A 31 20.69 0.94 -20.07
C THR A 31 19.54 1.90 -19.79
N HIS A 32 18.53 1.38 -19.09
CA HIS A 32 17.36 2.17 -18.70
C HIS A 32 17.08 2.02 -17.20
N LEU A 33 16.74 3.14 -16.57
CA LEU A 33 16.31 3.15 -15.18
C LEU A 33 14.88 3.64 -15.08
N ILE A 34 14.04 2.92 -14.33
CA ILE A 34 12.64 3.31 -14.15
C ILE A 34 12.32 3.60 -12.69
N TYR A 35 11.70 4.75 -12.45
CA TYR A 35 11.39 5.24 -11.11
C TYR A 35 9.96 4.87 -10.70
N ALA A 36 9.84 4.04 -9.68
CA ALA A 36 8.55 3.58 -9.15
C ALA A 36 8.34 4.13 -7.73
N PHE A 37 7.19 4.75 -7.44
CA PHE A 37 6.09 5.01 -8.38
C PHE A 37 5.67 6.49 -8.33
N ALA A 38 5.03 6.95 -9.40
CA ALA A 38 4.30 8.22 -9.40
C ALA A 38 2.81 7.93 -9.17
N GLY A 39 2.07 8.96 -8.73
CA GLY A 39 0.65 8.82 -8.48
C GLY A 39 -0.20 9.71 -9.38
N MET A 40 -1.43 9.95 -8.96
CA MET A 40 -2.36 10.78 -9.73
C MET A 40 -3.31 11.54 -8.81
N GLN A 41 -3.59 12.80 -9.18
CA GLN A 41 -4.57 13.62 -8.48
C GLN A 41 -5.28 14.52 -9.48
N ASN A 42 -6.62 14.44 -9.48
CA ASN A 42 -7.45 15.17 -10.44
C ASN A 42 -6.98 14.96 -11.88
N ASN A 43 -6.76 13.70 -12.21
CA ASN A 43 -6.35 13.26 -13.56
C ASN A 43 -5.00 13.80 -14.02
N GLU A 44 -4.20 14.26 -13.06
CA GLU A 44 -2.84 14.73 -13.36
C GLU A 44 -1.81 13.95 -12.58
N ILE A 45 -0.68 13.65 -13.22
CA ILE A 45 0.41 12.91 -12.59
C ILE A 45 1.02 13.72 -11.42
N THR A 46 1.35 13.00 -10.35
CA THR A 46 1.90 13.63 -9.14
C THR A 46 2.97 12.75 -8.51
N THR A 47 3.67 13.31 -7.53
CA THR A 47 4.58 12.57 -6.67
C THR A 47 3.79 11.68 -5.70
N ILE A 48 4.50 10.82 -4.98
CA ILE A 48 3.90 10.02 -3.91
C ILE A 48 4.64 10.28 -2.60
N GLU A 49 5.95 10.12 -2.60
CA GLU A 49 6.76 10.33 -1.40
C GLU A 49 7.12 11.79 -1.23
N TRP A 50 7.24 12.23 0.02
CA TRP A 50 7.47 13.64 0.36
C TRP A 50 8.71 14.22 -0.32
N ASN A 51 9.72 13.39 -0.53
CA ASN A 51 11.00 13.83 -1.08
C ASN A 51 11.25 13.39 -2.53
N ASP A 52 10.18 13.00 -3.22
CA ASP A 52 10.29 12.55 -4.62
C ASP A 52 11.03 13.54 -5.54
N VAL A 53 10.76 14.83 -5.39
CA VAL A 53 11.43 15.85 -6.23
C VAL A 53 12.95 15.83 -6.06
N THR A 54 13.40 15.77 -4.80
CA THR A 54 14.82 15.65 -4.49
C THR A 54 15.38 14.35 -5.08
N LEU A 55 14.62 13.26 -4.92
CA LEU A 55 15.02 11.96 -5.46
C LEU A 55 15.05 11.93 -6.98
N TYR A 56 14.06 12.57 -7.63
CA TYR A 56 14.05 12.73 -9.10
C TYR A 56 15.35 13.39 -9.58
N GLN A 57 15.79 14.43 -8.86
CA GLN A 57 16.98 15.19 -9.20
C GLN A 57 18.23 14.31 -9.17
N ALA A 58 18.37 13.52 -8.10
CA ALA A 58 19.50 12.61 -7.94
C ALA A 58 19.44 11.45 -8.94
N PHE A 59 18.23 10.94 -9.16
CA PHE A 59 17.97 9.82 -10.07
C PHE A 59 18.34 10.20 -11.50
N ASN A 60 17.72 11.26 -12.00
CA ASN A 60 18.01 11.74 -13.34
C ASN A 60 19.40 12.31 -13.51
N GLY A 61 19.99 12.77 -12.40
CA GLY A 61 21.37 13.23 -12.37
C GLY A 61 22.40 12.15 -12.66
N LEU A 62 21.98 10.89 -12.55
CA LEU A 62 22.84 9.75 -12.90
C LEU A 62 23.23 9.77 -14.37
N LYS A 63 22.41 10.45 -15.18
CA LYS A 63 22.67 10.61 -16.61
C LYS A 63 23.88 11.50 -16.88
N ASN A 64 24.24 12.33 -15.91
CA ASN A 64 25.47 13.14 -15.96
C ASN A 64 26.75 12.31 -15.81
N LYS A 65 26.58 11.02 -15.50
CA LYS A 65 27.70 10.09 -15.32
C LYS A 65 27.71 9.01 -16.41
N ASN A 66 26.61 8.90 -17.13
CA ASN A 66 26.47 7.98 -18.27
C ASN A 66 25.60 8.64 -19.35
N SER A 67 26.26 9.12 -20.40
CA SER A 67 25.61 9.86 -21.49
C SER A 67 24.55 9.04 -22.25
N GLN A 68 24.63 7.72 -22.15
CA GLN A 68 23.74 6.82 -22.87
C GLN A 68 22.49 6.46 -22.05
N LEU A 69 22.59 6.64 -20.73
CA LEU A 69 21.52 6.25 -19.81
C LEU A 69 20.20 6.99 -20.09
N LYS A 70 19.11 6.24 -20.10
CA LYS A 70 17.78 6.83 -20.21
C LYS A 70 16.96 6.48 -18.97
N THR A 71 16.08 7.40 -18.58
CA THR A 71 15.27 7.22 -17.38
C THR A 71 13.79 7.36 -17.69
N LEU A 72 12.98 6.60 -16.96
CA LEU A 72 11.52 6.70 -17.10
C LEU A 72 10.86 6.77 -15.74
N LEU A 73 9.66 7.34 -15.71
CA LEU A 73 8.86 7.41 -14.50
C LEU A 73 7.68 6.45 -14.60
N ALA A 74 7.56 5.54 -13.62
CA ALA A 74 6.46 4.59 -13.59
C ALA A 74 5.27 5.12 -12.79
N ILE A 75 4.13 5.26 -13.44
CA ILE A 75 2.88 5.64 -12.75
C ILE A 75 2.01 4.42 -12.44
N GLY A 76 1.54 4.33 -11.20
CA GLY A 76 0.63 3.26 -10.79
C GLY A 76 1.21 2.39 -9.69
N GLY A 77 1.21 1.08 -9.92
CA GLY A 77 1.63 0.11 -8.90
C GLY A 77 0.43 -0.61 -8.29
N TRP A 78 0.71 -1.55 -7.40
CA TRP A 78 -0.33 -2.42 -6.84
C TRP A 78 -1.24 -1.73 -5.82
N ASN A 79 -0.66 -0.88 -4.98
CA ASN A 79 -1.42 -0.12 -3.98
C ASN A 79 -2.21 1.03 -4.60
N PHE A 80 -1.80 1.44 -5.80
CA PHE A 80 -2.49 2.49 -6.56
C PHE A 80 -3.87 2.03 -7.01
N GLY A 81 -3.96 0.76 -7.40
CA GLY A 81 -5.22 0.19 -7.89
C GLY A 81 -5.57 0.66 -9.29
N THR A 82 -6.83 0.49 -9.66
CA THR A 82 -7.28 0.80 -11.01
C THR A 82 -8.16 2.06 -11.06
N ALA A 83 -8.73 2.43 -9.91
CA ALA A 83 -9.73 3.50 -9.84
C ALA A 83 -9.35 4.82 -10.55
N PRO A 84 -8.16 5.38 -10.23
CA PRO A 84 -7.78 6.62 -10.91
C PRO A 84 -7.49 6.44 -12.40
N PHE A 85 -7.01 5.26 -12.79
CA PHE A 85 -6.80 4.97 -14.21
C PHE A 85 -8.14 4.92 -14.95
N THR A 86 -9.09 4.14 -14.42
CA THR A 86 -10.43 4.05 -15.01
C THR A 86 -11.07 5.44 -15.22
N ALA A 87 -11.00 6.29 -14.18
CA ALA A 87 -11.60 7.63 -14.23
C ALA A 87 -10.91 8.52 -15.27
N MET A 88 -9.59 8.39 -15.36
CA MET A 88 -8.79 9.20 -16.28
C MET A 88 -9.01 8.85 -17.77
N VAL A 89 -9.10 7.56 -18.09
CA VAL A 89 -9.35 7.17 -19.48
C VAL A 89 -10.83 7.27 -19.90
N SER A 90 -11.73 7.41 -18.93
CA SER A 90 -13.18 7.36 -19.17
C SER A 90 -13.69 8.42 -20.16
N THR A 91 -13.06 9.59 -20.18
CA THR A 91 -13.44 10.67 -21.11
C THR A 91 -12.21 11.18 -21.86
N PRO A 92 -12.38 11.63 -23.11
CA PRO A 92 -11.26 12.22 -23.85
C PRO A 92 -10.66 13.45 -23.14
N GLU A 93 -11.52 14.21 -22.44
CA GLU A 93 -11.09 15.42 -21.73
C GLU A 93 -10.13 15.10 -20.58
N ASN A 94 -10.45 14.06 -19.81
CA ASN A 94 -9.58 13.57 -18.74
C ASN A 94 -8.26 13.05 -19.27
N ARG A 95 -8.29 12.39 -20.42
CA ARG A 95 -7.06 11.86 -21.05
C ARG A 95 -6.14 12.98 -21.48
N GLN A 96 -6.72 14.01 -22.11
CA GLN A 96 -5.94 15.19 -22.53
C GLN A 96 -5.30 15.88 -21.34
N THR A 97 -6.10 16.07 -20.28
CA THR A 97 -5.62 16.64 -19.01
C THR A 97 -4.42 15.86 -18.48
N PHE A 98 -4.51 14.53 -18.53
CA PHE A 98 -3.44 13.66 -18.07
C PHE A 98 -2.19 13.77 -18.92
N ILE A 99 -2.37 13.63 -20.24
CA ILE A 99 -1.26 13.69 -21.18
C ILE A 99 -0.52 15.04 -21.07
N THR A 100 -1.28 16.13 -21.07
CA THR A 100 -0.71 17.46 -20.85
C THR A 100 0.16 17.50 -19.57
N SER A 101 -0.40 17.02 -18.46
CA SER A 101 0.32 17.01 -17.19
C SER A 101 1.58 16.14 -17.23
N VAL A 102 1.52 15.03 -17.94
CA VAL A 102 2.67 14.10 -18.08
C VAL A 102 3.83 14.76 -18.84
N ILE A 103 3.53 15.38 -19.99
CA ILE A 103 4.55 16.10 -20.75
C ILE A 103 5.27 17.14 -19.87
N LYS A 104 4.49 17.99 -19.20
CA LYS A 104 5.02 19.02 -18.31
C LYS A 104 5.90 18.43 -17.20
N PHE A 105 5.40 17.37 -16.55
CA PHE A 105 6.05 16.71 -15.42
C PHE A 105 7.41 16.11 -15.81
N LEU A 106 7.42 15.32 -16.87
CA LEU A 106 8.62 14.63 -17.34
C LEU A 106 9.71 15.60 -17.80
N ARG A 107 9.29 16.65 -18.50
CA ARG A 107 10.23 17.68 -18.95
C ARG A 107 10.80 18.49 -17.78
N GLN A 108 9.93 18.82 -16.82
CA GLN A 108 10.33 19.59 -15.64
C GLN A 108 11.38 18.84 -14.82
N TYR A 109 11.17 17.55 -14.61
CA TYR A 109 12.04 16.76 -13.73
C TYR A 109 13.09 15.93 -14.46
N GLU A 110 13.11 16.06 -15.79
CA GLU A 110 14.15 15.51 -16.66
C GLU A 110 14.14 13.98 -16.80
N PHE A 111 12.94 13.43 -16.96
CA PHE A 111 12.74 12.03 -17.32
C PHE A 111 12.64 11.90 -18.84
N ASP A 112 13.04 10.76 -19.37
CA ASP A 112 13.01 10.51 -20.80
C ASP A 112 11.74 9.79 -21.27
N GLY A 113 10.86 9.45 -20.33
CA GLY A 113 9.59 8.83 -20.69
C GLY A 113 8.71 8.43 -19.52
N LEU A 114 7.56 7.85 -19.88
CA LEU A 114 6.60 7.32 -18.91
C LEU A 114 6.42 5.82 -19.09
N ASP A 115 6.40 5.10 -17.97
CA ASP A 115 6.07 3.68 -17.92
C ASP A 115 4.71 3.51 -17.24
N PHE A 116 3.72 3.02 -17.98
CA PHE A 116 2.40 2.72 -17.40
C PHE A 116 2.44 1.44 -16.57
N ASP A 117 2.15 1.56 -15.28
CA ASP A 117 2.07 0.39 -14.39
C ASP A 117 0.65 0.25 -13.82
N TRP A 118 -0.31 0.22 -14.72
CA TRP A 118 -1.72 -0.01 -14.42
C TRP A 118 -1.92 -1.50 -14.23
N GLU A 119 -2.30 -1.90 -13.01
CA GLU A 119 -2.51 -3.29 -12.67
C GLU A 119 -3.99 -3.57 -12.33
N TYR A 120 -4.83 -3.89 -13.32
CA TYR A 120 -4.52 -3.97 -14.75
C TYR A 120 -5.75 -3.45 -15.51
N PRO A 121 -5.57 -3.00 -16.77
CA PRO A 121 -6.78 -2.72 -17.55
C PRO A 121 -7.67 -3.96 -17.60
N GLY A 122 -8.97 -3.79 -17.36
CA GLY A 122 -9.93 -4.89 -17.46
C GLY A 122 -10.02 -5.88 -16.31
N SER A 123 -9.22 -5.68 -15.26
CA SER A 123 -9.25 -6.54 -14.08
C SER A 123 -8.95 -5.75 -12.80
N ARG A 124 -9.05 -6.41 -11.65
CA ARG A 124 -8.80 -5.78 -10.35
C ARG A 124 -9.67 -4.52 -10.14
N GLY A 125 -10.92 -4.60 -10.59
CA GLY A 125 -11.86 -3.49 -10.44
C GLY A 125 -12.12 -2.72 -11.72
N SER A 126 -11.15 -2.78 -12.64
CA SER A 126 -11.24 -2.06 -13.92
C SER A 126 -12.25 -2.73 -14.86
N PRO A 127 -13.24 -1.96 -15.36
CA PRO A 127 -14.32 -2.46 -16.22
C PRO A 127 -13.84 -2.85 -17.63
N PRO A 128 -14.63 -3.66 -18.36
CA PRO A 128 -14.23 -4.24 -19.66
C PRO A 128 -13.81 -3.22 -20.72
N GLN A 129 -14.41 -2.03 -20.71
CA GLN A 129 -14.11 -0.97 -21.68
C GLN A 129 -12.68 -0.43 -21.56
N ASP A 130 -12.06 -0.65 -20.41
CA ASP A 130 -10.69 -0.19 -20.15
C ASP A 130 -9.63 -0.88 -21.00
N LYS A 131 -9.91 -2.10 -21.46
CA LYS A 131 -9.02 -2.80 -22.40
C LYS A 131 -8.76 -1.92 -23.63
N HIS A 132 -9.84 -1.56 -24.34
CA HIS A 132 -9.72 -0.69 -25.52
C HIS A 132 -9.27 0.73 -25.15
N LEU A 133 -9.80 1.25 -24.05
CA LEU A 133 -9.47 2.62 -23.63
C LEU A 133 -7.99 2.80 -23.27
N PHE A 134 -7.36 1.73 -22.80
CA PHE A 134 -5.92 1.73 -22.55
C PHE A 134 -5.13 1.88 -23.87
N THR A 135 -5.57 1.18 -24.91
CA THR A 135 -4.97 1.30 -26.24
C THR A 135 -5.06 2.73 -26.74
N VAL A 136 -6.25 3.32 -26.58
CA VAL A 136 -6.52 4.71 -26.97
C VAL A 136 -5.62 5.69 -26.22
N LEU A 137 -5.51 5.51 -24.91
CA LEU A 137 -4.65 6.35 -24.06
C LEU A 137 -3.21 6.31 -24.54
N VAL A 138 -2.70 5.11 -24.75
CA VAL A 138 -1.33 4.89 -25.19
C VAL A 138 -1.04 5.53 -26.55
N GLN A 139 -1.94 5.30 -27.52
CA GLN A 139 -1.81 5.91 -28.84
C GLN A 139 -1.80 7.44 -28.73
N GLU A 140 -2.75 7.98 -27.97
CA GLU A 140 -2.86 9.44 -27.79
C GLU A 140 -1.61 10.03 -27.13
N MET A 141 -1.07 9.32 -26.14
CA MET A 141 0.17 9.73 -25.47
CA MET A 141 0.17 9.76 -25.50
C MET A 141 1.35 9.70 -26.46
N ARG A 142 1.48 8.58 -27.18
CA ARG A 142 2.54 8.42 -28.16
C ARG A 142 2.52 9.56 -29.18
N GLU A 143 1.34 9.83 -29.73
CA GLU A 143 1.19 10.88 -30.74
C GLU A 143 1.40 12.28 -30.16
N ALA A 144 0.99 12.47 -28.91
CA ALA A 144 1.26 13.72 -28.20
C ALA A 144 2.77 13.90 -27.98
N PHE A 145 3.45 12.81 -27.60
CA PHE A 145 4.90 12.81 -27.44
C PHE A 145 5.63 13.17 -28.74
N GLU A 146 5.19 12.58 -29.85
CA GLU A 146 5.76 12.85 -31.18
C GLU A 146 5.64 14.33 -31.56
N GLN A 147 4.47 14.90 -31.30
CA GLN A 147 4.19 16.31 -31.61
C GLN A 147 5.04 17.26 -30.77
N GLU A 148 5.12 16.99 -29.47
CA GLU A 148 5.89 17.82 -28.53
C GLU A 148 7.39 17.85 -28.86
N ALA A 149 7.94 16.69 -29.21
CA ALA A 149 9.36 16.57 -29.58
C ALA A 149 9.74 17.54 -30.69
N LYS A 150 8.86 17.66 -31.69
CA LYS A 150 9.10 18.55 -32.82
C LYS A 150 8.94 20.03 -32.46
N GLN A 151 7.96 20.34 -31.62
CA GLN A 151 7.71 21.74 -31.24
C GLN A 151 8.84 22.33 -30.39
N ILE A 152 9.43 21.52 -29.51
CA ILE A 152 10.54 21.97 -28.66
C ILE A 152 11.91 21.52 -29.16
N ASN A 153 11.93 20.74 -30.24
CA ASN A 153 13.18 20.27 -30.88
C ASN A 153 14.10 19.50 -29.92
N LYS A 154 13.54 18.53 -29.22
CA LYS A 154 14.30 17.63 -28.35
C LYS A 154 13.90 16.18 -28.63
N PRO A 155 14.76 15.20 -28.26
CA PRO A 155 14.36 13.81 -28.43
C PRO A 155 12.98 13.50 -27.85
N ARG A 156 12.24 12.66 -28.56
CA ARG A 156 10.88 12.28 -28.18
C ARG A 156 10.87 11.50 -26.85
N LEU A 157 9.94 11.87 -25.98
CA LEU A 157 9.67 11.11 -24.75
C LEU A 157 9.19 9.72 -25.11
N MET A 158 9.65 8.72 -24.36
CA MET A 158 9.24 7.33 -24.56
C MET A 158 7.96 7.01 -23.78
N VAL A 159 7.17 6.08 -24.32
CA VAL A 159 6.00 5.54 -23.62
C VAL A 159 6.09 4.02 -23.58
N THR A 160 6.14 3.48 -22.38
CA THR A 160 6.29 2.05 -22.18
C THR A 160 5.21 1.57 -21.21
N ALA A 161 5.08 0.25 -21.05
CA ALA A 161 4.11 -0.29 -20.11
C ALA A 161 4.61 -1.57 -19.48
N ALA A 162 4.37 -1.69 -18.17
CA ALA A 162 4.49 -2.98 -17.49
C ALA A 162 3.15 -3.70 -17.64
N VAL A 163 3.21 -4.94 -18.13
CA VAL A 163 2.00 -5.67 -18.52
C VAL A 163 1.91 -7.03 -17.84
N ALA A 164 0.67 -7.52 -17.70
CA ALA A 164 0.37 -8.74 -16.97
C ALA A 164 0.98 -9.99 -17.60
N ALA A 165 1.29 -10.97 -16.74
CA ALA A 165 1.78 -12.28 -17.17
C ALA A 165 0.68 -13.36 -17.12
N GLY A 166 -0.36 -13.12 -16.30
CA GLY A 166 -1.49 -14.04 -16.20
C GLY A 166 -2.36 -14.03 -17.45
N ILE A 167 -2.62 -15.21 -18.00
CA ILE A 167 -3.31 -15.30 -19.31
C ILE A 167 -4.70 -14.65 -19.30
N SER A 168 -5.50 -14.92 -18.27
CA SER A 168 -6.81 -14.27 -18.10
C SER A 168 -6.69 -12.75 -18.05
N ASN A 169 -5.73 -12.25 -17.27
CA ASN A 169 -5.46 -10.83 -17.17
C ASN A 169 -5.05 -10.21 -18.51
N ILE A 170 -4.22 -10.93 -19.27
CA ILE A 170 -3.80 -10.50 -20.61
C ILE A 170 -5.00 -10.38 -21.55
N GLN A 171 -5.82 -11.43 -21.59
CA GLN A 171 -6.98 -11.50 -22.51
C GLN A 171 -8.02 -10.42 -22.25
N SER A 172 -8.22 -10.05 -20.99
CA SER A 172 -9.22 -9.05 -20.65
C SER A 172 -8.64 -7.64 -20.59
N GLY A 173 -7.32 -7.54 -20.71
CA GLY A 173 -6.62 -6.27 -20.49
C GLY A 173 -6.02 -5.55 -21.69
N TYR A 174 -5.60 -6.31 -22.71
CA TYR A 174 -4.77 -5.73 -23.77
C TYR A 174 -5.19 -6.10 -25.19
N GLU A 175 -5.28 -5.09 -26.04
CA GLU A 175 -5.37 -5.29 -27.49
C GLU A 175 -3.95 -5.31 -28.03
N ILE A 176 -3.36 -6.51 -28.02
CA ILE A 176 -1.91 -6.67 -28.19
C ILE A 176 -1.31 -6.08 -29.48
N PRO A 177 -1.90 -6.41 -30.67
CA PRO A 177 -1.31 -5.87 -31.89
C PRO A 177 -1.35 -4.35 -31.93
N GLN A 178 -2.48 -3.77 -31.55
CA GLN A 178 -2.69 -2.32 -31.60
C GLN A 178 -1.83 -1.60 -30.57
N LEU A 179 -1.84 -2.09 -29.32
CA LEU A 179 -1.03 -1.53 -28.25
C LEU A 179 0.47 -1.55 -28.59
N SER A 180 0.92 -2.66 -29.18
CA SER A 180 2.32 -2.87 -29.52
C SER A 180 2.86 -1.87 -30.54
N GLN A 181 1.98 -1.30 -31.35
CA GLN A 181 2.34 -0.33 -32.38
C GLN A 181 2.85 0.98 -31.77
N TYR A 182 2.28 1.36 -30.63
CA TYR A 182 2.53 2.69 -30.04
C TYR A 182 3.48 2.67 -28.85
N LEU A 183 3.60 1.52 -28.18
CA LEU A 183 4.52 1.39 -27.07
C LEU A 183 5.95 1.25 -27.58
N ASP A 184 6.89 1.93 -26.94
CA ASP A 184 8.30 1.77 -27.26
C ASP A 184 8.83 0.44 -26.74
N TYR A 185 8.47 0.10 -25.51
CA TYR A 185 8.85 -1.18 -24.90
C TYR A 185 7.68 -1.78 -24.14
N ILE A 186 7.64 -3.11 -24.13
CA ILE A 186 6.63 -3.87 -23.39
C ILE A 186 7.34 -4.64 -22.29
N HIS A 187 7.17 -4.19 -21.05
CA HIS A 187 7.82 -4.81 -19.89
C HIS A 187 6.94 -5.89 -19.29
N VAL A 188 7.22 -7.14 -19.63
CA VAL A 188 6.33 -8.24 -19.24
C VAL A 188 6.70 -8.74 -17.84
N MET A 189 5.71 -8.70 -16.96
CA MET A 189 5.90 -9.01 -15.54
C MET A 189 5.94 -10.53 -15.31
N THR A 190 6.96 -11.16 -15.90
CA THR A 190 7.13 -12.63 -15.85
C THR A 190 7.72 -13.07 -14.51
N TYR A 191 6.94 -12.85 -13.47
CA TYR A 191 7.27 -13.24 -12.10
C TYR A 191 6.00 -13.16 -11.26
N ASP A 192 6.13 -13.45 -9.97
CA ASP A 192 4.97 -13.66 -9.09
C ASP A 192 4.02 -14.70 -9.70
N LEU A 193 4.62 -15.69 -10.39
CA LEU A 193 3.87 -16.70 -11.12
C LEU A 193 3.35 -17.79 -10.19
N HIS A 194 3.94 -17.84 -8.99
CA HIS A 194 3.47 -18.68 -7.88
C HIS A 194 3.65 -17.92 -6.57
N GLY A 195 2.91 -18.34 -5.55
CA GLY A 195 2.98 -17.72 -4.23
C GLY A 195 2.10 -18.45 -3.23
N SER A 196 2.19 -18.07 -1.96
CA SER A 196 1.53 -18.79 -0.87
C SER A 196 0.00 -18.84 -1.00
N TRP A 197 -0.57 -17.86 -1.72
CA TRP A 197 -2.01 -17.84 -2.00
C TRP A 197 -2.52 -19.13 -2.63
N GLU A 198 -1.62 -19.88 -3.26
CA GLU A 198 -1.97 -21.13 -3.93
C GLU A 198 -2.06 -22.35 -3.01
N GLY A 199 -1.46 -22.26 -1.81
CA GLY A 199 -1.51 -23.35 -0.84
C GLY A 199 -0.47 -24.44 -1.04
N TYR A 200 0.47 -24.21 -1.93
CA TYR A 200 1.59 -25.12 -2.15
C TYR A 200 2.82 -24.38 -2.65
N THR A 201 4.00 -24.95 -2.44
CA THR A 201 5.24 -24.35 -2.91
C THR A 201 5.27 -24.28 -4.44
N GLY A 202 5.85 -23.20 -4.94
CA GLY A 202 5.98 -22.97 -6.37
C GLY A 202 6.98 -21.85 -6.60
N GLU A 203 7.55 -21.80 -7.80
CA GLU A 203 8.61 -20.87 -8.11
C GLU A 203 8.11 -19.50 -8.54
N ASN A 204 8.83 -18.46 -8.10
CA ASN A 204 8.50 -17.08 -8.42
C ASN A 204 8.48 -16.84 -9.92
N SER A 205 9.50 -17.35 -10.60
CA SER A 205 9.74 -17.05 -12.01
C SER A 205 10.39 -18.24 -12.73
N PRO A 206 9.68 -19.38 -12.79
CA PRO A 206 10.29 -20.54 -13.44
C PRO A 206 10.38 -20.29 -14.94
N LEU A 207 11.46 -20.72 -15.57
CA LEU A 207 11.62 -20.51 -17.01
C LEU A 207 10.68 -21.40 -17.82
N TYR A 208 10.59 -22.67 -17.42
CA TYR A 208 9.74 -23.66 -18.07
C TYR A 208 8.73 -24.21 -17.07
N LYS A 209 7.80 -25.03 -17.56
CA LYS A 209 6.84 -25.66 -16.65
C LYS A 209 7.45 -26.81 -15.84
N TYR A 210 6.88 -27.06 -14.67
CA TYR A 210 7.19 -28.25 -13.90
C TYR A 210 6.27 -29.35 -14.42
N PRO A 211 6.76 -30.61 -14.44
CA PRO A 211 5.92 -31.70 -14.97
C PRO A 211 4.49 -31.76 -14.44
N THR A 212 4.29 -31.42 -13.16
CA THR A 212 2.96 -31.48 -12.53
C THR A 212 2.04 -30.31 -12.91
N ASP A 213 2.57 -29.32 -13.61
CA ASP A 213 1.79 -28.17 -14.08
C ASP A 213 0.80 -28.60 -15.16
N THR A 214 -0.44 -28.90 -14.76
CA THR A 214 -1.49 -29.33 -15.67
C THR A 214 -2.47 -28.21 -15.96
N GLY A 215 -3.19 -28.31 -17.08
CA GLY A 215 -4.21 -27.32 -17.46
C GLY A 215 -3.67 -25.90 -17.51
N SER A 216 -4.35 -24.98 -16.83
CA SER A 216 -3.97 -23.55 -16.85
C SER A 216 -2.65 -23.28 -16.12
N ASN A 217 -2.29 -24.16 -15.20
CA ASN A 217 -1.01 -24.04 -14.49
C ASN A 217 0.22 -24.17 -15.39
N ALA A 218 0.03 -24.75 -16.57
CA ALA A 218 1.09 -24.89 -17.57
C ALA A 218 1.48 -23.55 -18.22
N TYR A 219 0.69 -22.51 -17.94
CA TYR A 219 0.97 -21.18 -18.45
C TYR A 219 1.87 -20.36 -17.51
N LEU A 220 2.09 -20.91 -16.30
CA LEU A 220 2.81 -20.19 -15.25
C LEU A 220 4.32 -20.35 -15.33
N ASN A 221 4.88 -19.93 -16.46
CA ASN A 221 6.33 -19.91 -16.66
C ASN A 221 6.72 -18.82 -17.66
N VAL A 222 7.99 -18.42 -17.60
CA VAL A 222 8.50 -17.31 -18.41
C VAL A 222 8.39 -17.59 -19.92
N ASP A 223 8.78 -18.79 -20.32
CA ASP A 223 8.73 -19.20 -21.73
C ASP A 223 7.33 -19.09 -22.33
N TYR A 224 6.33 -19.67 -21.67
CA TYR A 224 4.96 -19.62 -22.19
C TYR A 224 4.45 -18.18 -22.29
N VAL A 225 4.65 -17.40 -21.24
CA VAL A 225 4.13 -16.03 -21.19
C VAL A 225 4.71 -15.16 -22.30
N MET A 226 6.04 -15.16 -22.44
CA MET A 226 6.70 -14.34 -23.46
C MET A 226 6.24 -14.71 -24.85
N ASN A 227 6.16 -16.02 -25.11
CA ASN A 227 5.68 -16.53 -26.39
C ASN A 227 4.21 -16.25 -26.63
N TYR A 228 3.42 -16.21 -25.56
CA TYR A 228 2.02 -15.80 -25.68
C TYR A 228 1.92 -14.36 -26.19
N TRP A 229 2.69 -13.47 -25.58
CA TRP A 229 2.73 -12.07 -26.03
C TRP A 229 3.18 -11.96 -27.49
N LYS A 230 4.26 -12.65 -27.83
CA LYS A 230 4.79 -12.65 -29.19
C LYS A 230 3.78 -13.21 -30.22
N ASP A 231 3.24 -14.39 -29.92
CA ASP A 231 2.32 -15.07 -30.84
C ASP A 231 1.01 -14.32 -31.05
N ASN A 232 0.64 -13.49 -30.09
CA ASN A 232 -0.63 -12.76 -30.17
C ASN A 232 -0.49 -11.29 -30.57
N GLY A 233 0.66 -10.94 -31.13
CA GLY A 233 0.81 -9.66 -31.84
C GLY A 233 1.93 -8.72 -31.44
N ALA A 234 2.65 -9.02 -30.37
CA ALA A 234 3.75 -8.17 -29.93
C ALA A 234 5.06 -8.58 -30.61
N PRO A 235 5.76 -7.61 -31.24
CA PRO A 235 7.04 -7.92 -31.87
C PRO A 235 8.09 -8.29 -30.82
N ALA A 236 8.84 -9.36 -31.07
CA ALA A 236 9.87 -9.84 -30.14
C ALA A 236 10.82 -8.74 -29.67
N GLU A 237 11.21 -7.86 -30.61
CA GLU A 237 12.19 -6.80 -30.33
C GLU A 237 11.68 -5.70 -29.38
N LYS A 238 10.36 -5.61 -29.23
CA LYS A 238 9.75 -4.66 -28.27
C LYS A 238 9.48 -5.31 -26.91
N LEU A 239 9.50 -6.64 -26.89
CA LEU A 239 9.19 -7.41 -25.69
C LEU A 239 10.39 -7.52 -24.75
N ILE A 240 10.18 -7.10 -23.50
CA ILE A 240 11.23 -7.08 -22.50
C ILE A 240 10.86 -8.07 -21.39
N VAL A 241 11.77 -9.03 -21.17
CA VAL A 241 11.53 -10.12 -20.21
C VAL A 241 11.77 -9.66 -18.77
N GLY A 242 10.82 -9.94 -17.89
CA GLY A 242 10.95 -9.58 -16.48
C GLY A 242 11.81 -10.54 -15.67
N PHE A 243 12.78 -9.97 -14.96
CA PHE A 243 13.69 -10.72 -14.08
C PHE A 243 13.55 -10.22 -12.64
N PRO A 244 13.25 -11.12 -11.68
CA PRO A 244 13.14 -10.73 -10.28
C PRO A 244 14.42 -10.90 -9.46
N THR A 245 14.78 -9.86 -8.70
CA THR A 245 15.90 -9.99 -7.76
C THR A 245 15.36 -10.21 -6.33
N TYR A 246 14.27 -10.97 -6.27
CA TYR A 246 13.60 -11.33 -5.02
C TYR A 246 12.90 -12.67 -5.23
N GLY A 247 12.54 -13.32 -4.13
CA GLY A 247 11.78 -14.56 -4.20
C GLY A 247 10.53 -14.54 -3.33
N HIS A 248 9.68 -15.55 -3.51
CA HIS A 248 8.51 -15.76 -2.64
C HIS A 248 8.79 -16.91 -1.69
N ASN A 249 8.48 -16.68 -0.42
CA ASN A 249 8.63 -17.72 0.59
C ASN A 249 7.30 -18.22 1.16
N PHE A 250 7.38 -19.35 1.85
CA PHE A 250 6.22 -20.14 2.25
C PHE A 250 6.48 -20.74 3.62
N ILE A 251 5.41 -21.08 4.33
CA ILE A 251 5.50 -21.96 5.49
C ILE A 251 5.06 -23.36 5.06
N LEU A 252 5.97 -24.33 5.16
CA LEU A 252 5.68 -25.71 4.80
C LEU A 252 4.75 -26.37 5.82
N SER A 253 3.72 -27.05 5.33
CA SER A 253 2.81 -27.82 6.18
C SER A 253 3.52 -29.02 6.81
N ASN A 254 4.40 -29.65 6.02
CA ASN A 254 5.26 -30.74 6.48
C ASN A 254 6.72 -30.44 6.12
N PRO A 255 7.56 -30.15 7.13
CA PRO A 255 8.99 -29.84 6.95
C PRO A 255 9.80 -30.93 6.23
N SER A 256 9.27 -32.15 6.19
CA SER A 256 9.94 -33.24 5.49
C SER A 256 9.49 -33.38 4.03
N ASN A 257 8.52 -32.55 3.63
CA ASN A 257 8.10 -32.44 2.24
C ASN A 257 8.55 -31.07 1.71
N THR A 258 9.61 -31.08 0.89
CA THR A 258 10.34 -29.85 0.53
C THR A 258 10.48 -29.60 -0.98
N GLY A 259 9.75 -30.36 -1.79
CA GLY A 259 9.82 -30.21 -3.24
C GLY A 259 8.83 -29.19 -3.79
N ILE A 260 8.80 -29.08 -5.12
CA ILE A 260 7.81 -28.25 -5.80
C ILE A 260 6.42 -28.88 -5.66
N GLY A 261 5.46 -28.10 -5.19
CA GLY A 261 4.09 -28.56 -5.01
C GLY A 261 3.81 -29.11 -3.63
N ALA A 262 4.76 -28.92 -2.71
CA ALA A 262 4.60 -29.34 -1.32
C ALA A 262 3.56 -28.46 -0.64
N PRO A 263 2.69 -29.04 0.21
CA PRO A 263 1.66 -28.26 0.90
C PRO A 263 2.26 -27.16 1.79
N THR A 264 1.62 -25.99 1.76
CA THR A 264 2.02 -24.87 2.59
C THR A 264 0.83 -24.36 3.40
N SER A 265 1.12 -23.72 4.54
CA SER A 265 0.08 -23.21 5.43
C SER A 265 -0.07 -21.68 5.33
N GLY A 266 0.84 -21.04 4.60
CA GLY A 266 0.77 -19.60 4.39
C GLY A 266 2.08 -19.00 3.91
N ALA A 267 2.12 -17.67 3.85
CA ALA A 267 3.31 -16.93 3.46
C ALA A 267 4.44 -17.12 4.46
N GLY A 268 5.67 -17.09 3.96
CA GLY A 268 6.85 -17.19 4.82
C GLY A 268 7.15 -15.87 5.50
N PRO A 269 8.13 -15.87 6.42
CA PRO A 269 8.41 -14.70 7.26
C PRO A 269 8.91 -13.51 6.47
N ALA A 270 8.49 -12.31 6.87
CA ALA A 270 9.05 -11.09 6.32
C ALA A 270 10.55 -11.05 6.60
N GLY A 271 11.29 -10.47 5.67
CA GLY A 271 12.74 -10.31 5.85
C GLY A 271 13.06 -9.15 6.78
N PRO A 272 14.28 -9.14 7.35
CA PRO A 272 14.67 -8.12 8.32
C PRO A 272 14.92 -6.74 7.69
N TYR A 273 15.05 -6.69 6.38
CA TYR A 273 15.33 -5.43 5.67
C TYR A 273 14.16 -4.91 4.86
N ALA A 274 13.62 -5.74 3.96
CA ALA A 274 12.47 -5.35 3.14
C ALA A 274 11.17 -5.39 3.95
N LYS A 275 11.14 -6.27 4.96
CA LYS A 275 10.00 -6.41 5.86
C LYS A 275 8.69 -6.68 5.11
N GLU A 276 8.81 -7.47 4.05
CA GLU A 276 7.68 -7.88 3.22
C GLU A 276 7.25 -9.30 3.54
N SER A 277 5.98 -9.42 3.93
CA SER A 277 5.36 -10.71 4.14
C SER A 277 5.47 -11.57 2.88
N GLY A 278 5.99 -12.78 3.03
CA GLY A 278 6.06 -13.74 1.93
C GLY A 278 7.02 -13.42 0.79
N ILE A 279 7.89 -12.43 1.01
CA ILE A 279 8.84 -11.98 0.00
C ILE A 279 10.19 -11.68 0.64
N TRP A 280 11.26 -12.23 0.05
CA TRP A 280 12.63 -11.91 0.43
C TRP A 280 13.43 -11.33 -0.74
N ALA A 281 14.13 -10.22 -0.47
CA ALA A 281 15.11 -9.67 -1.40
C ALA A 281 16.18 -10.73 -1.64
N TYR A 282 16.88 -10.65 -2.77
CA TYR A 282 17.96 -11.59 -3.03
C TYR A 282 19.00 -11.58 -1.90
N TYR A 283 19.35 -10.39 -1.42
CA TYR A 283 20.34 -10.31 -0.34
C TYR A 283 19.83 -10.91 0.99
N GLU A 284 18.51 -10.84 1.19
CA GLU A 284 17.86 -11.50 2.33
C GLU A 284 17.90 -13.02 2.19
N ILE A 285 17.76 -13.50 0.96
CA ILE A 285 17.85 -14.95 0.68
C ILE A 285 19.29 -15.45 0.93
N CYS A 286 20.28 -14.63 0.59
CA CYS A 286 21.68 -14.98 0.88
C CYS A 286 21.94 -15.20 2.37
N THR A 287 21.31 -14.39 3.22
CA THR A 287 21.38 -14.56 4.67
C THR A 287 20.79 -15.93 5.09
N PHE A 288 19.64 -16.26 4.51
CA PHE A 288 18.98 -17.55 4.70
C PHE A 288 19.94 -18.71 4.40
N LEU A 289 20.59 -18.65 3.24
CA LEU A 289 21.57 -19.67 2.83
C LEU A 289 22.77 -19.74 3.78
N LYS A 290 23.29 -18.59 4.17
CA LYS A 290 24.42 -18.50 5.09
C LYS A 290 24.09 -19.07 6.46
N ASN A 291 22.82 -18.95 6.86
CA ASN A 291 22.35 -19.39 8.17
C ASN A 291 21.98 -20.88 8.25
N GLY A 292 22.26 -21.63 7.19
CA GLY A 292 22.17 -23.08 7.22
C GLY A 292 21.10 -23.74 6.37
N ALA A 293 20.38 -22.95 5.57
CA ALA A 293 19.33 -23.49 4.72
C ALA A 293 19.91 -24.43 3.68
N THR A 294 19.13 -25.46 3.32
CA THR A 294 19.53 -26.41 2.28
C THR A 294 19.21 -25.86 0.90
N GLN A 295 20.21 -25.89 0.02
CA GLN A 295 20.06 -25.45 -1.37
C GLN A 295 19.34 -26.51 -2.20
N GLY A 296 18.38 -26.06 -3.00
CA GLY A 296 17.69 -26.92 -3.95
C GLY A 296 17.85 -26.37 -5.35
N TRP A 297 17.81 -27.26 -6.34
CA TRP A 297 17.75 -26.84 -7.73
C TRP A 297 16.55 -27.49 -8.42
N ASP A 298 15.63 -26.65 -8.87
CA ASP A 298 14.46 -27.05 -9.63
C ASP A 298 14.89 -27.18 -11.09
N ALA A 299 15.37 -28.37 -11.45
CA ALA A 299 15.96 -28.63 -12.77
C ALA A 299 15.04 -28.40 -13.98
N PRO A 300 13.79 -28.91 -13.94
CA PRO A 300 12.91 -28.70 -15.11
C PRO A 300 12.65 -27.22 -15.40
N GLN A 301 12.66 -26.40 -14.35
CA GLN A 301 12.28 -24.99 -14.45
C GLN A 301 13.48 -24.05 -14.43
N GLU A 302 14.66 -24.62 -14.18
CA GLU A 302 15.96 -23.93 -14.21
C GLU A 302 16.08 -22.79 -13.19
N VAL A 303 15.53 -23.01 -11.99
CA VAL A 303 15.59 -22.01 -10.92
C VAL A 303 15.87 -22.67 -9.58
N PRO A 304 16.54 -21.93 -8.66
CA PRO A 304 16.86 -22.49 -7.34
C PRO A 304 15.70 -22.38 -6.36
N TYR A 305 15.78 -23.17 -5.30
CA TYR A 305 14.96 -22.96 -4.12
C TYR A 305 15.79 -23.33 -2.90
N ALA A 306 15.25 -23.05 -1.72
CA ALA A 306 15.96 -23.32 -0.47
C ALA A 306 14.97 -23.54 0.65
N TYR A 307 15.38 -24.32 1.64
CA TYR A 307 14.51 -24.66 2.76
C TYR A 307 15.26 -24.89 4.06
N GLN A 308 14.61 -24.56 5.17
CA GLN A 308 15.12 -24.85 6.51
C GLN A 308 13.95 -24.88 7.46
N GLY A 309 13.85 -25.96 8.23
CA GLY A 309 12.68 -26.18 9.09
C GLY A 309 11.40 -26.11 8.28
N ASN A 310 10.50 -25.23 8.68
CA ASN A 310 9.22 -25.07 7.98
C ASN A 310 9.20 -23.89 6.98
N VAL A 311 10.37 -23.34 6.67
CA VAL A 311 10.46 -22.22 5.72
C VAL A 311 11.06 -22.66 4.37
N TRP A 312 10.36 -22.29 3.29
CA TRP A 312 10.73 -22.68 1.92
C TRP A 312 10.70 -21.43 1.04
N VAL A 313 11.75 -21.22 0.25
CA VAL A 313 11.80 -20.05 -0.64
C VAL A 313 12.13 -20.44 -2.08
N GLY A 314 11.36 -19.90 -3.03
CA GLY A 314 11.63 -20.05 -4.45
C GLY A 314 12.12 -18.73 -5.00
N TYR A 315 13.24 -18.76 -5.73
CA TYR A 315 13.88 -17.51 -6.15
C TYR A 315 14.71 -17.64 -7.43
N ASP A 316 15.52 -16.62 -7.69
CA ASP A 316 16.48 -16.63 -8.80
C ASP A 316 17.88 -16.29 -8.30
N ASN A 317 18.87 -16.92 -8.92
CA ASN A 317 20.26 -16.67 -8.55
C ASN A 317 21.11 -16.40 -9.79
N VAL A 318 22.43 -16.40 -9.62
CA VAL A 318 23.33 -16.14 -10.74
C VAL A 318 23.13 -17.17 -11.86
N LYS A 319 23.07 -18.46 -11.47
CA LYS A 319 22.89 -19.55 -12.43
C LYS A 319 21.59 -19.42 -13.24
N SER A 320 20.48 -19.14 -12.57
CA SER A 320 19.18 -19.03 -13.25
C SER A 320 19.09 -17.80 -14.15
N PHE A 321 19.64 -16.68 -13.69
CA PHE A 321 19.70 -15.45 -14.49
C PHE A 321 20.51 -15.69 -15.77
N ASP A 322 21.61 -16.41 -15.65
CA ASP A 322 22.43 -16.74 -16.80
C ASP A 322 21.72 -17.64 -17.81
N ILE A 323 21.07 -18.70 -17.31
CA ILE A 323 20.28 -19.60 -18.16
C ILE A 323 19.17 -18.84 -18.91
N LYS A 324 18.43 -18.01 -18.19
CA LYS A 324 17.35 -17.23 -18.78
C LYS A 324 17.84 -16.25 -19.83
N ALA A 325 18.99 -15.62 -19.57
CA ALA A 325 19.63 -14.69 -20.51
C ALA A 325 20.00 -15.37 -21.83
N GLN A 326 20.54 -16.60 -21.74
CA GLN A 326 20.85 -17.37 -22.93
C GLN A 326 19.58 -17.70 -23.73
N TRP A 327 18.51 -18.06 -23.01
CA TRP A 327 17.20 -18.33 -23.61
C TRP A 327 16.66 -17.08 -24.32
N LEU A 328 16.78 -15.95 -23.64
CA LEU A 328 16.31 -14.66 -24.14
C LEU A 328 16.95 -14.34 -25.47
N LYS A 329 18.27 -14.50 -25.55
CA LYS A 329 19.04 -14.26 -26.77
C LYS A 329 18.61 -15.17 -27.92
N HIS A 330 18.49 -16.48 -27.63
CA HIS A 330 18.01 -17.46 -28.62
C HIS A 330 16.65 -17.09 -29.19
N ASN A 331 15.80 -16.48 -28.36
CA ASN A 331 14.45 -16.10 -28.76
C ASN A 331 14.35 -14.69 -29.31
N LYS A 332 15.48 -13.98 -29.27
CA LYS A 332 15.63 -12.67 -29.92
C LYS A 332 14.67 -11.60 -29.41
N PHE A 333 14.44 -11.63 -28.10
CA PHE A 333 13.64 -10.59 -27.45
C PHE A 333 14.44 -9.29 -27.33
N GLY A 334 13.77 -8.20 -26.94
CA GLY A 334 14.39 -6.88 -26.93
C GLY A 334 15.38 -6.66 -25.80
N GLY A 335 15.29 -7.50 -24.77
CA GLY A 335 16.15 -7.37 -23.59
C GLY A 335 15.48 -7.80 -22.32
N ALA A 336 16.03 -7.33 -21.20
CA ALA A 336 15.58 -7.72 -19.86
C ALA A 336 15.19 -6.50 -19.04
N MET A 337 14.17 -6.64 -18.21
CA MET A 337 13.91 -5.66 -17.16
C MET A 337 14.03 -6.34 -15.80
N VAL A 338 14.39 -5.56 -14.78
CA VAL A 338 14.69 -6.09 -13.46
C VAL A 338 13.89 -5.40 -12.36
N TRP A 339 13.13 -6.19 -11.60
CA TRP A 339 12.53 -5.72 -10.36
C TRP A 339 13.21 -6.42 -9.19
N ALA A 340 14.01 -5.72 -8.39
CA ALA A 340 14.35 -4.29 -8.57
C ALA A 340 15.82 -4.09 -8.23
N ILE A 341 16.38 -2.95 -8.66
CA ILE A 341 17.79 -2.66 -8.41
C ILE A 341 18.16 -2.67 -6.91
N ASP A 342 17.21 -2.26 -6.07
CA ASP A 342 17.41 -2.15 -4.63
C ASP A 342 17.26 -3.48 -3.86
N LEU A 343 16.88 -4.54 -4.58
CA LEU A 343 16.70 -5.88 -4.01
C LEU A 343 17.88 -6.82 -4.30
N ASP A 344 18.67 -6.47 -5.33
CA ASP A 344 19.93 -7.16 -5.63
C ASP A 344 20.92 -6.86 -4.50
N ASP A 345 21.95 -7.70 -4.36
CA ASP A 345 22.96 -7.50 -3.32
C ASP A 345 23.88 -6.34 -3.72
N PHE A 346 23.36 -5.13 -3.62
CA PHE A 346 24.06 -3.93 -4.07
C PHE A 346 25.35 -3.62 -3.31
N THR A 347 25.37 -3.96 -2.01
CA THR A 347 26.59 -3.76 -1.22
C THR A 347 27.62 -4.87 -1.48
N GLY A 348 27.14 -6.00 -1.97
CA GLY A 348 27.97 -7.19 -2.16
C GLY A 348 28.31 -7.93 -0.87
N THR A 349 27.82 -7.43 0.26
CA THR A 349 28.21 -7.96 1.57
C THR A 349 27.39 -9.18 2.02
N PHE A 350 26.24 -9.39 1.39
CA PHE A 350 25.34 -10.48 1.78
C PHE A 350 25.65 -11.79 1.05
N CYS A 351 25.97 -11.68 -0.24
CA CYS A 351 26.14 -12.86 -1.10
C CYS A 351 27.59 -13.15 -1.45
N ASN A 352 28.46 -12.16 -1.27
CA ASN A 352 29.89 -12.27 -1.60
C ASN A 352 30.14 -12.66 -3.05
N GLN A 353 29.29 -12.14 -3.93
CA GLN A 353 29.36 -12.41 -5.37
C GLN A 353 29.67 -11.14 -6.15
N GLY A 354 30.16 -10.13 -5.44
CA GLY A 354 30.39 -8.82 -6.03
C GLY A 354 29.16 -7.94 -5.87
N LYS A 355 29.32 -6.65 -6.20
CA LYS A 355 28.21 -5.71 -6.12
C LYS A 355 27.23 -5.96 -7.26
N PHE A 356 25.95 -5.87 -6.94
CA PHE A 356 24.86 -6.14 -7.90
C PHE A 356 25.08 -7.45 -8.68
N PRO A 357 25.21 -8.60 -7.98
CA PRO A 357 25.60 -9.83 -8.67
C PRO A 357 24.60 -10.31 -9.73
N LEU A 358 23.31 -10.17 -9.45
CA LEU A 358 22.26 -10.62 -10.37
C LEU A 358 22.18 -9.73 -11.61
N ILE A 359 22.19 -8.41 -11.41
CA ILE A 359 22.08 -7.50 -12.54
C ILE A 359 23.38 -7.51 -13.37
N SER A 360 24.52 -7.58 -12.70
CA SER A 360 25.81 -7.74 -13.37
C SER A 360 25.86 -8.98 -14.27
N THR A 361 25.21 -10.07 -13.84
CA THR A 361 25.12 -11.31 -14.61
C THR A 361 24.41 -11.04 -15.94
N LEU A 362 23.32 -10.28 -15.86
CA LEU A 362 22.58 -9.87 -17.05
C LEU A 362 23.40 -8.94 -17.94
N LYS A 363 24.06 -7.96 -17.33
CA LYS A 363 24.93 -7.04 -18.08
C LYS A 363 25.96 -7.80 -18.91
N LYS A 364 26.60 -8.79 -18.30
CA LYS A 364 27.61 -9.60 -18.99
C LYS A 364 26.99 -10.46 -20.11
N ALA A 365 25.92 -11.18 -19.77
CA ALA A 365 25.30 -12.12 -20.70
C ALA A 365 24.69 -11.45 -21.93
N LEU A 366 24.18 -10.23 -21.75
CA LEU A 366 23.50 -9.52 -22.85
C LEU A 366 24.46 -8.66 -23.70
N GLY A 367 25.76 -8.88 -23.55
CA GLY A 367 26.77 -8.18 -24.33
C GLY A 367 26.96 -6.71 -23.98
N LEU A 368 26.70 -6.36 -22.73
CA LEU A 368 26.78 -4.97 -22.29
C LEU A 368 27.98 -4.66 -21.38
N GLN A 369 28.88 -5.62 -21.18
CA GLN A 369 30.05 -5.39 -20.32
C GLN A 369 30.93 -4.23 -20.78
N SER A 370 31.04 -4.07 -22.10
CA SER A 370 31.86 -3.02 -22.70
C SER A 370 31.04 -1.78 -23.11
N ALA A 371 29.80 -1.69 -22.62
CA ALA A 371 28.94 -0.54 -22.91
C ALA A 371 29.59 0.76 -22.45
N SER A 372 29.45 1.80 -23.28
CA SER A 372 30.06 3.09 -23.01
C SER A 372 29.51 3.69 -21.73
N CYS A 373 30.41 4.08 -20.84
CA CYS A 373 30.00 4.79 -19.64
C CYS A 373 30.87 6.01 -19.39
N THR A 374 30.46 7.13 -19.98
CA THR A 374 31.17 8.39 -19.90
C THR A 374 30.16 9.50 -19.64
N ALA A 375 30.56 10.49 -18.85
CA ALA A 375 29.76 11.70 -18.65
C ALA A 375 29.47 12.37 -20.00
N PRO A 376 28.27 12.97 -20.15
CA PRO A 376 27.99 13.70 -21.39
C PRO A 376 28.80 15.00 -21.47
N ALA A 377 28.91 15.54 -22.69
CA ALA A 377 29.69 16.76 -22.94
C ALA A 377 29.10 17.97 -22.21
N TYR B 1 -19.24 5.32 28.39
CA TYR B 1 -18.59 5.54 27.08
C TYR B 1 -17.75 4.35 26.69
N GLN B 2 -17.59 4.14 25.39
CA GLN B 2 -16.63 3.19 24.87
C GLN B 2 -15.31 3.89 24.59
N LEU B 3 -14.21 3.15 24.76
CA LEU B 3 -12.89 3.57 24.28
C LEU B 3 -12.37 2.45 23.41
N THR B 4 -12.40 2.69 22.10
CA THR B 4 -12.09 1.69 21.09
C THR B 4 -10.76 2.03 20.43
N CYS B 5 -9.85 1.06 20.41
CA CYS B 5 -8.48 1.33 19.97
C CYS B 5 -8.06 0.43 18.81
N TYR B 6 -7.62 1.05 17.72
CA TYR B 6 -7.12 0.29 16.55
C TYR B 6 -5.67 -0.13 16.74
N PHE B 7 -5.39 -1.39 16.46
CA PHE B 7 -4.04 -1.93 16.42
C PHE B 7 -3.70 -2.23 14.95
N THR B 8 -2.48 -1.94 14.53
CA THR B 8 -2.10 -2.21 13.14
C THR B 8 -1.07 -3.33 13.04
N ASN B 9 -1.32 -4.28 12.13
CA ASN B 9 -0.45 -5.45 11.98
C ASN B 9 0.86 -5.22 11.21
N TRP B 10 1.13 -3.97 10.84
CA TRP B 10 2.42 -3.61 10.24
C TRP B 10 3.34 -2.80 11.16
N ALA B 11 2.82 -2.43 12.34
CA ALA B 11 3.63 -1.75 13.35
C ALA B 11 4.77 -2.64 13.85
N GLN B 12 4.60 -3.95 13.69
CA GLN B 12 5.64 -4.93 14.03
C GLN B 12 6.93 -4.71 13.26
N TYR B 13 6.84 -4.03 12.12
CA TYR B 13 8.01 -3.84 11.26
C TYR B 13 8.79 -2.55 11.51
N ARG B 14 8.29 -1.70 12.39
CA ARG B 14 9.00 -0.47 12.74
C ARG B 14 10.26 -0.78 13.56
N PRO B 15 11.36 -0.06 13.29
CA PRO B 15 12.66 -0.35 13.94
C PRO B 15 12.69 0.00 15.41
N GLY B 16 13.51 -0.73 16.17
CA GLY B 16 13.75 -0.47 17.60
C GLY B 16 12.53 -0.14 18.43
N LEU B 17 12.56 1.03 19.08
CA LEU B 17 11.47 1.52 19.93
C LEU B 17 10.11 1.65 19.21
N GLY B 18 10.12 1.65 17.89
CA GLY B 18 8.88 1.74 17.10
C GLY B 18 8.08 0.45 17.06
N ARG B 19 8.76 -0.67 17.20
CA ARG B 19 8.11 -2.00 17.09
C ARG B 19 6.99 -2.15 18.12
N PHE B 20 5.82 -2.53 17.62
CA PHE B 20 4.64 -2.72 18.48
C PHE B 20 3.93 -4.02 18.12
N MET B 21 3.78 -4.88 19.12
CA MET B 21 3.13 -6.18 18.98
C MET B 21 1.85 -6.21 19.83
N PRO B 22 0.97 -7.20 19.61
CA PRO B 22 -0.24 -7.31 20.44
C PRO B 22 0.02 -7.33 21.95
N ASP B 23 1.12 -7.94 22.39
CA ASP B 23 1.42 -8.01 23.82
C ASP B 23 1.98 -6.71 24.40
N ASP B 24 2.21 -5.72 23.54
CA ASP B 24 2.56 -4.36 23.98
C ASP B 24 1.31 -3.56 24.37
N ILE B 25 0.13 -4.08 24.05
CA ILE B 25 -1.14 -3.45 24.42
C ILE B 25 -1.44 -3.69 25.90
N ASN B 26 -1.70 -2.61 26.64
CA ASN B 26 -2.24 -2.70 28.00
C ASN B 26 -3.70 -3.11 27.90
N PRO B 27 -4.06 -4.30 28.41
CA PRO B 27 -5.41 -4.84 28.30
C PRO B 27 -6.47 -4.05 29.08
N CYS B 28 -6.04 -3.23 30.03
CA CYS B 28 -6.94 -2.45 30.89
C CYS B 28 -7.26 -1.06 30.33
N LEU B 29 -6.59 -0.70 29.24
CA LEU B 29 -6.65 0.65 28.70
C LEU B 29 -7.96 0.95 27.94
N CYS B 30 -8.29 0.10 26.98
CA CYS B 30 -9.45 0.31 26.11
C CYS B 30 -10.56 -0.69 26.42
N THR B 31 -11.79 -0.34 26.06
CA THR B 31 -12.95 -1.24 26.18
C THR B 31 -13.06 -2.18 24.97
N HIS B 32 -12.66 -1.67 23.81
CA HIS B 32 -12.67 -2.44 22.57
C HIS B 32 -11.33 -2.30 21.85
N LEU B 33 -10.85 -3.40 21.30
CA LEU B 33 -9.66 -3.38 20.46
C LEU B 33 -9.99 -3.87 19.05
N ILE B 34 -9.49 -3.16 18.05
CA ILE B 34 -9.77 -3.53 16.65
C ILE B 34 -8.47 -3.82 15.91
N TYR B 35 -8.43 -4.99 15.26
CA TYR B 35 -7.25 -5.47 14.55
C TYR B 35 -7.33 -5.07 13.07
N ALA B 36 -6.41 -4.21 12.64
CA ALA B 36 -6.30 -3.77 11.25
C ALA B 36 -5.03 -4.35 10.62
N PHE B 37 -5.11 -4.97 9.43
CA PHE B 37 -6.34 -5.21 8.67
C PHE B 37 -6.42 -6.66 8.22
N ALA B 38 -7.64 -7.14 8.01
CA ALA B 38 -7.86 -8.40 7.28
C ALA B 38 -8.08 -8.10 5.80
N GLY B 39 -7.88 -9.11 4.97
CA GLY B 39 -8.05 -8.96 3.53
C GLY B 39 -9.19 -9.79 2.96
N MET B 40 -9.14 -10.04 1.66
CA MET B 40 -10.18 -10.80 0.98
C MET B 40 -9.59 -11.58 -0.19
N GLN B 41 -10.00 -12.84 -0.32
CA GLN B 41 -9.60 -13.69 -1.44
C GLN B 41 -10.81 -14.50 -1.87
N ASN B 42 -11.19 -14.39 -3.15
CA ASN B 42 -12.35 -15.08 -3.71
C ASN B 42 -13.64 -14.84 -2.90
N ASN B 43 -13.85 -13.57 -2.54
CA ASN B 43 -15.01 -13.14 -1.76
C ASN B 43 -15.06 -13.70 -0.33
N GLU B 44 -13.91 -14.15 0.17
CA GLU B 44 -13.81 -14.66 1.53
C GLU B 44 -12.76 -13.88 2.32
N ILE B 45 -13.04 -13.65 3.60
CA ILE B 45 -12.11 -12.94 4.47
C ILE B 45 -10.84 -13.77 4.71
N THR B 46 -9.71 -13.09 4.74
CA THR B 46 -8.43 -13.77 4.93
C THR B 46 -7.43 -12.90 5.69
N THR B 47 -6.29 -13.49 6.05
CA THR B 47 -5.20 -12.76 6.67
C THR B 47 -4.46 -11.93 5.63
N ILE B 48 -3.57 -11.04 6.09
CA ILE B 48 -2.71 -10.29 5.18
C ILE B 48 -1.24 -10.54 5.49
N GLU B 49 -0.87 -10.38 6.77
CA GLU B 49 0.53 -10.61 7.18
C GLU B 49 0.81 -12.09 7.47
N TRP B 50 2.04 -12.51 7.22
CA TRP B 50 2.46 -13.91 7.37
C TRP B 50 2.14 -14.48 8.76
N ASN B 51 2.29 -13.66 9.79
CA ASN B 51 2.10 -14.11 11.18
C ASN B 51 0.77 -13.68 11.80
N ASP B 52 -0.21 -13.30 10.96
CA ASP B 52 -1.51 -12.85 11.46
C ASP B 52 -2.18 -13.84 12.44
N VAL B 53 -2.14 -15.13 12.11
CA VAL B 53 -2.76 -16.15 12.98
C VAL B 53 -2.15 -16.12 14.39
N THR B 54 -0.81 -16.09 14.46
CA THR B 54 -0.08 -15.95 15.72
C THR B 54 -0.44 -14.66 16.45
N LEU B 55 -0.54 -13.56 15.71
CA LEU B 55 -0.90 -12.27 16.29
C LEU B 55 -2.35 -12.24 16.76
N TYR B 56 -3.25 -12.88 16.01
CA TYR B 56 -4.65 -13.05 16.42
C TYR B 56 -4.74 -13.69 17.80
N GLN B 57 -3.95 -14.75 18.01
CA GLN B 57 -3.92 -15.49 19.27
C GLN B 57 -3.52 -14.57 20.44
N ALA B 58 -2.43 -13.82 20.27
CA ALA B 58 -1.95 -12.88 21.28
C ALA B 58 -2.94 -11.73 21.53
N PHE B 59 -3.53 -11.23 20.44
CA PHE B 59 -4.47 -10.10 20.47
C PHE B 59 -5.73 -10.44 21.27
N ASN B 60 -6.39 -11.52 20.88
CA ASN B 60 -7.59 -11.98 21.59
C ASN B 60 -7.28 -12.61 22.95
N GLY B 61 -6.04 -13.08 23.11
CA GLY B 61 -5.54 -13.57 24.40
C GLY B 61 -5.54 -12.51 25.48
N LEU B 62 -5.55 -11.23 25.08
CA LEU B 62 -5.61 -10.10 26.01
C LEU B 62 -6.89 -10.11 26.85
N LYS B 63 -7.93 -10.76 26.33
CA LYS B 63 -9.20 -10.93 27.03
C LYS B 63 -9.11 -11.88 28.23
N ASN B 64 -7.99 -12.60 28.35
CA ASN B 64 -7.70 -13.42 29.53
C ASN B 64 -7.25 -12.56 30.71
N LYS B 65 -6.85 -11.33 30.42
CA LYS B 65 -6.40 -10.40 31.45
C LYS B 65 -7.49 -9.39 31.81
N ASN B 66 -8.38 -9.13 30.85
CA ASN B 66 -9.52 -8.24 31.04
C ASN B 66 -10.79 -8.89 30.48
N SER B 67 -11.61 -9.43 31.37
CA SER B 67 -12.80 -10.19 31.00
C SER B 67 -13.90 -9.35 30.31
N GLN B 68 -13.82 -8.03 30.45
CA GLN B 68 -14.82 -7.13 29.85
C GLN B 68 -14.43 -6.67 28.43
N LEU B 69 -13.16 -6.84 28.10
CA LEU B 69 -12.62 -6.43 26.79
C LEU B 69 -13.27 -7.18 25.62
N LYS B 70 -13.58 -6.43 24.56
CA LYS B 70 -14.08 -7.03 23.32
C LYS B 70 -13.12 -6.71 22.17
N THR B 71 -13.02 -7.64 21.23
CA THR B 71 -12.15 -7.45 20.08
C THR B 71 -12.92 -7.57 18.77
N LEU B 72 -12.49 -6.79 17.78
CA LEU B 72 -13.07 -6.89 16.45
C LEU B 72 -11.96 -6.94 15.40
N LEU B 73 -12.28 -7.51 14.25
CA LEU B 73 -11.34 -7.56 13.13
C LEU B 73 -11.79 -6.56 12.06
N ALA B 74 -10.87 -5.69 11.66
CA ALA B 74 -11.15 -4.71 10.61
C ALA B 74 -10.73 -5.24 9.24
N ILE B 75 -11.68 -5.26 8.31
CA ILE B 75 -11.37 -5.65 6.93
C ILE B 75 -11.34 -4.42 6.02
N GLY B 76 -10.31 -4.32 5.20
CA GLY B 76 -10.21 -3.23 4.22
C GLY B 76 -9.01 -2.36 4.43
N GLY B 77 -9.25 -1.05 4.54
CA GLY B 77 -8.17 -0.08 4.65
C GLY B 77 -7.93 0.64 3.34
N TRP B 78 -6.96 1.56 3.33
CA TRP B 78 -6.74 2.43 2.18
C TRP B 78 -6.05 1.74 1.01
N ASN B 79 -5.05 0.92 1.28
CA ASN B 79 -4.36 0.19 0.21
C ASN B 79 -5.22 -0.93 -0.37
N PHE B 80 -6.12 -1.49 0.46
CA PHE B 80 -7.08 -2.50 0.02
C PHE B 80 -7.97 -1.98 -1.12
N GLY B 81 -8.29 -0.68 -1.06
CA GLY B 81 -9.09 -0.05 -2.10
C GLY B 81 -10.53 -0.52 -2.05
N THR B 82 -11.23 -0.36 -3.17
CA THR B 82 -12.67 -0.63 -3.23
C THR B 82 -13.04 -1.86 -4.06
N ALA B 83 -12.17 -2.22 -5.02
CA ALA B 83 -12.48 -3.29 -5.98
C ALA B 83 -13.02 -4.59 -5.38
N PRO B 84 -12.33 -5.16 -4.37
CA PRO B 84 -12.84 -6.41 -3.81
C PRO B 84 -14.18 -6.24 -3.11
N PHE B 85 -14.41 -5.10 -2.46
CA PHE B 85 -15.70 -4.80 -1.84
C PHE B 85 -16.83 -4.68 -2.88
N THR B 86 -16.57 -3.96 -3.96
CA THR B 86 -17.53 -3.79 -5.04
C THR B 86 -17.93 -5.14 -5.64
N ALA B 87 -16.94 -5.96 -5.95
CA ALA B 87 -17.17 -7.30 -6.50
C ALA B 87 -17.97 -8.17 -5.52
N MET B 88 -17.63 -8.09 -4.23
CA MET B 88 -18.27 -8.91 -3.20
C MET B 88 -19.75 -8.59 -2.98
N VAL B 89 -20.09 -7.31 -2.97
CA VAL B 89 -21.48 -6.88 -2.73
C VAL B 89 -22.35 -6.92 -3.99
N SER B 90 -21.72 -7.11 -5.15
CA SER B 90 -22.39 -7.02 -6.45
C SER B 90 -23.49 -8.07 -6.67
N THR B 91 -23.39 -9.20 -5.99
CA THR B 91 -24.36 -10.29 -6.13
C THR B 91 -24.69 -10.89 -4.76
N PRO B 92 -25.95 -11.35 -4.56
CA PRO B 92 -26.27 -12.04 -3.31
C PRO B 92 -25.36 -13.26 -3.05
N GLU B 93 -24.97 -13.96 -4.10
CA GLU B 93 -24.07 -15.12 -3.98
C GLU B 93 -22.75 -14.76 -3.30
N ASN B 94 -22.11 -13.69 -3.78
CA ASN B 94 -20.82 -13.25 -3.24
C ASN B 94 -20.92 -12.76 -1.80
N ARG B 95 -22.04 -12.11 -1.47
CA ARG B 95 -22.28 -11.63 -0.11
C ARG B 95 -22.48 -12.77 0.88
N GLN B 96 -23.21 -13.81 0.46
CA GLN B 96 -23.40 -15.00 1.29
C GLN B 96 -22.08 -15.74 1.51
N THR B 97 -21.33 -15.91 0.42
CA THR B 97 -19.99 -16.51 0.48
C THR B 97 -19.14 -15.76 1.50
N PHE B 98 -19.19 -14.42 1.44
CA PHE B 98 -18.44 -13.57 2.36
C PHE B 98 -18.92 -13.70 3.80
N ILE B 99 -20.22 -13.58 4.01
CA ILE B 99 -20.81 -13.65 5.36
C ILE B 99 -20.49 -14.97 6.06
N THR B 100 -20.65 -16.09 5.35
CA THR B 100 -20.33 -17.42 5.87
C THR B 100 -18.87 -17.50 6.31
N SER B 101 -17.96 -16.99 5.47
CA SER B 101 -16.53 -17.01 5.77
C SER B 101 -16.19 -16.17 7.00
N VAL B 102 -16.89 -15.04 7.17
CA VAL B 102 -16.69 -14.14 8.30
C VAL B 102 -17.12 -14.77 9.62
N ILE B 103 -18.31 -15.38 9.65
CA ILE B 103 -18.78 -16.06 10.85
C ILE B 103 -17.76 -17.11 11.30
N LYS B 104 -17.34 -17.97 10.37
CA LYS B 104 -16.33 -19.01 10.64
C LYS B 104 -15.01 -18.43 11.12
N PHE B 105 -14.52 -17.43 10.41
CA PHE B 105 -13.23 -16.78 10.70
C PHE B 105 -13.20 -16.20 12.11
N LEU B 106 -14.22 -15.40 12.45
CA LEU B 106 -14.28 -14.72 13.75
C LEU B 106 -14.40 -15.69 14.93
N ARG B 107 -15.21 -16.73 14.77
CA ARG B 107 -15.36 -17.76 15.79
C ARG B 107 -14.08 -18.57 15.97
N GLN B 108 -13.44 -18.92 14.86
CA GLN B 108 -12.20 -19.71 14.88
C GLN B 108 -11.07 -18.99 15.60
N TYR B 109 -10.90 -17.69 15.31
CA TYR B 109 -9.77 -16.93 15.86
C TYR B 109 -10.16 -16.11 17.11
N GLU B 110 -11.42 -16.25 17.51
CA GLU B 110 -11.94 -15.70 18.77
C GLU B 110 -12.10 -14.17 18.77
N PHE B 111 -12.59 -13.63 17.66
CA PHE B 111 -12.96 -12.22 17.57
C PHE B 111 -14.44 -12.07 17.95
N ASP B 112 -14.78 -10.94 18.54
CA ASP B 112 -16.16 -10.67 18.97
C ASP B 112 -17.00 -9.97 17.89
N GLY B 113 -16.37 -9.65 16.75
CA GLY B 113 -17.10 -8.99 15.67
C GLY B 113 -16.26 -8.49 14.52
N LEU B 114 -16.92 -7.88 13.55
CA LEU B 114 -16.27 -7.34 12.35
C LEU B 114 -16.45 -5.83 12.25
N ASP B 115 -15.36 -5.14 11.92
CA ASP B 115 -15.39 -3.71 11.60
C ASP B 115 -15.13 -3.55 10.10
N PHE B 116 -16.11 -3.02 9.37
CA PHE B 116 -15.94 -2.71 7.95
C PHE B 116 -15.13 -1.44 7.75
N ASP B 117 -13.99 -1.55 7.07
CA ASP B 117 -13.15 -0.38 6.77
C ASP B 117 -13.04 -0.15 5.26
N TRP B 118 -14.19 -0.16 4.61
CA TRP B 118 -14.32 0.11 3.19
C TRP B 118 -14.13 1.60 2.93
N GLU B 119 -13.07 1.95 2.19
CA GLU B 119 -12.77 3.35 1.88
C GLU B 119 -12.89 3.65 0.38
N TYR B 120 -14.06 4.05 -0.11
CA TYR B 120 -15.33 4.14 0.62
C TYR B 120 -16.39 3.63 -0.36
N PRO B 121 -17.57 3.24 0.15
CA PRO B 121 -18.63 2.94 -0.83
C PRO B 121 -18.98 4.21 -1.61
N GLY B 122 -19.16 4.09 -2.93
CA GLY B 122 -19.57 5.22 -3.76
C GLY B 122 -18.48 6.19 -4.20
N SER B 123 -17.28 6.04 -3.66
CA SER B 123 -16.14 6.85 -4.09
C SER B 123 -14.87 5.99 -4.23
N ARG B 124 -13.77 6.62 -4.65
CA ARG B 124 -12.49 5.92 -4.87
C ARG B 124 -12.62 4.67 -5.76
N GLY B 125 -13.40 4.78 -6.82
CA GLY B 125 -13.59 3.70 -7.79
C GLY B 125 -14.86 2.90 -7.60
N SER B 126 -15.44 2.96 -6.41
CA SER B 126 -16.68 2.25 -6.10
C SER B 126 -17.88 2.95 -6.74
N PRO B 127 -18.69 2.21 -7.53
CA PRO B 127 -19.82 2.77 -8.27
C PRO B 127 -20.99 3.20 -7.37
N PRO B 128 -21.94 4.01 -7.91
CA PRO B 128 -23.06 4.56 -7.14
C PRO B 128 -23.95 3.52 -6.44
N GLN B 129 -24.14 2.36 -7.06
CA GLN B 129 -24.98 1.31 -6.46
C GLN B 129 -24.43 0.74 -5.15
N ASP B 130 -23.14 0.97 -4.88
CA ASP B 130 -22.50 0.47 -3.67
C ASP B 130 -22.97 1.16 -2.39
N LYS B 131 -23.51 2.38 -2.52
CA LYS B 131 -24.13 3.07 -1.38
C LYS B 131 -25.24 2.20 -0.78
N HIS B 132 -26.20 1.79 -1.60
CA HIS B 132 -27.28 0.91 -1.15
C HIS B 132 -26.79 -0.51 -0.86
N LEU B 133 -25.92 -1.03 -1.72
CA LEU B 133 -25.41 -2.38 -1.55
C LEU B 133 -24.62 -2.59 -0.25
N PHE B 134 -23.97 -1.53 0.24
CA PHE B 134 -23.31 -1.56 1.55
C PHE B 134 -24.33 -1.76 2.68
N THR B 135 -25.45 -1.03 2.62
CA THR B 135 -26.55 -1.19 3.57
C THR B 135 -27.07 -2.62 3.56
N VAL B 136 -27.28 -3.16 2.36
CA VAL B 136 -27.75 -4.53 2.18
C VAL B 136 -26.77 -5.55 2.79
N LEU B 137 -25.49 -5.38 2.50
CA LEU B 137 -24.44 -6.23 3.08
C LEU B 137 -24.50 -6.24 4.60
N VAL B 138 -24.55 -5.06 5.20
CA VAL B 138 -24.55 -4.91 6.65
C VAL B 138 -25.82 -5.50 7.27
N GLN B 139 -26.97 -5.22 6.65
CA GLN B 139 -28.23 -5.83 7.07
C GLN B 139 -28.16 -7.36 7.06
N GLU B 140 -27.72 -7.92 5.94
CA GLU B 140 -27.57 -9.36 5.79
C GLU B 140 -26.58 -9.97 6.80
N MET B 141 -25.50 -9.24 7.08
CA MET B 141 -24.52 -9.70 8.06
CA MET B 141 -24.50 -9.69 8.07
C MET B 141 -25.09 -9.69 9.47
N ARG B 142 -25.73 -8.58 9.84
CA ARG B 142 -26.38 -8.44 11.15
C ARG B 142 -27.38 -9.56 11.38
N GLU B 143 -28.25 -9.79 10.39
CA GLU B 143 -29.28 -10.82 10.46
C GLU B 143 -28.67 -12.22 10.56
N ALA B 144 -27.59 -12.47 9.83
CA ALA B 144 -26.87 -13.74 9.90
C ALA B 144 -26.23 -13.94 11.27
N PHE B 145 -25.68 -12.87 11.84
CA PHE B 145 -25.09 -12.88 13.17
C PHE B 145 -26.16 -13.20 14.22
N GLU B 146 -27.33 -12.59 14.08
CA GLU B 146 -28.48 -12.86 14.95
C GLU B 146 -28.90 -14.32 14.90
N GLN B 147 -28.85 -14.90 13.70
CA GLN B 147 -29.25 -16.30 13.48
C GLN B 147 -28.22 -17.29 14.00
N GLU B 148 -26.93 -16.97 13.80
CA GLU B 148 -25.84 -17.80 14.33
C GLU B 148 -25.85 -17.83 15.86
N ALA B 149 -26.18 -16.69 16.47
CA ALA B 149 -26.32 -16.57 17.92
C ALA B 149 -27.39 -17.52 18.47
N LYS B 150 -28.47 -17.69 17.69
CA LYS B 150 -29.56 -18.58 18.06
C LYS B 150 -29.13 -20.05 17.94
N GLN B 151 -28.29 -20.33 16.96
CA GLN B 151 -27.84 -21.70 16.66
C GLN B 151 -26.90 -22.27 17.72
N ILE B 152 -25.98 -21.44 18.21
CA ILE B 152 -24.92 -21.89 19.12
C ILE B 152 -25.12 -21.42 20.58
N ASN B 153 -26.19 -20.66 20.83
CA ASN B 153 -26.54 -20.14 22.16
C ASN B 153 -25.45 -19.29 22.81
N LYS B 154 -24.89 -18.37 22.03
CA LYS B 154 -23.88 -17.43 22.51
C LYS B 154 -24.28 -16.01 22.09
N PRO B 155 -23.84 -14.99 22.86
CA PRO B 155 -24.08 -13.62 22.39
C PRO B 155 -23.56 -13.46 20.96
N ARG B 156 -24.34 -12.76 20.13
CA ARG B 156 -24.01 -12.60 18.71
C ARG B 156 -22.74 -11.79 18.49
N LEU B 157 -22.10 -12.04 17.36
CA LEU B 157 -20.98 -11.26 16.88
C LEU B 157 -21.43 -9.83 16.58
N MET B 158 -20.55 -8.87 16.86
CA MET B 158 -20.80 -7.45 16.57
C MET B 158 -20.51 -7.10 15.11
N VAL B 159 -21.20 -6.09 14.60
CA VAL B 159 -20.87 -5.52 13.30
C VAL B 159 -20.76 -4.00 13.40
N THR B 160 -19.58 -3.49 13.08
CA THR B 160 -19.30 -2.06 13.17
C THR B 160 -18.72 -1.57 11.85
N ALA B 161 -18.58 -0.26 11.68
CA ALA B 161 -17.98 0.30 10.48
C ALA B 161 -17.22 1.57 10.78
N ALA B 162 -16.03 1.70 10.18
CA ALA B 162 -15.32 2.97 10.11
C ALA B 162 -15.83 3.73 8.89
N VAL B 163 -16.23 4.97 9.10
CA VAL B 163 -16.96 5.72 8.06
C VAL B 163 -16.35 7.08 7.75
N ALA B 164 -16.60 7.57 6.53
CA ALA B 164 -16.04 8.83 6.04
C ALA B 164 -16.44 10.06 6.84
N ALA B 165 -15.54 11.03 6.87
CA ALA B 165 -15.78 12.36 7.48
C ALA B 165 -15.98 13.47 6.43
N GLY B 166 -15.53 13.23 5.20
CA GLY B 166 -15.74 14.19 4.11
C GLY B 166 -17.20 14.19 3.69
N ILE B 167 -17.82 15.36 3.60
CA ILE B 167 -19.27 15.46 3.35
C ILE B 167 -19.66 14.83 2.02
N SER B 168 -18.88 15.11 0.98
CA SER B 168 -19.12 14.54 -0.34
C SER B 168 -19.07 13.01 -0.29
N ASN B 169 -18.04 12.47 0.36
CA ASN B 169 -17.89 11.03 0.55
C ASN B 169 -19.04 10.42 1.37
N ILE B 170 -19.51 11.14 2.39
CA ILE B 170 -20.65 10.68 3.19
C ILE B 170 -21.93 10.62 2.34
N GLN B 171 -22.17 11.68 1.58
CA GLN B 171 -23.37 11.79 0.75
C GLN B 171 -23.46 10.69 -0.32
N SER B 172 -22.34 10.42 -0.99
CA SER B 172 -22.28 9.39 -2.02
C SER B 172 -22.10 7.97 -1.47
N GLY B 173 -21.76 7.85 -0.19
CA GLY B 173 -21.42 6.56 0.40
C GLY B 173 -22.43 5.82 1.26
N TYR B 174 -23.26 6.56 2.00
CA TYR B 174 -24.03 5.93 3.09
C TYR B 174 -25.51 6.30 3.14
N GLU B 175 -26.34 5.28 3.30
CA GLU B 175 -27.76 5.45 3.64
C GLU B 175 -27.84 5.45 5.15
N ILE B 176 -27.56 6.62 5.74
CA ILE B 176 -27.29 6.72 7.18
C ILE B 176 -28.40 6.17 8.10
N PRO B 177 -29.68 6.57 7.89
CA PRO B 177 -30.71 6.04 8.78
C PRO B 177 -30.82 4.51 8.72
N GLN B 178 -30.80 3.96 7.51
CA GLN B 178 -30.95 2.51 7.31
C GLN B 178 -29.73 1.73 7.82
N LEU B 179 -28.54 2.21 7.45
CA LEU B 179 -27.29 1.57 7.86
C LEU B 179 -27.11 1.54 9.37
N SER B 180 -27.46 2.65 10.03
CA SER B 180 -27.29 2.81 11.48
C SER B 180 -28.16 1.87 12.31
N GLN B 181 -29.26 1.42 11.72
CA GLN B 181 -30.15 0.43 12.34
C GLN B 181 -29.41 -0.88 12.65
N TYR B 182 -28.52 -1.29 11.73
CA TYR B 182 -27.91 -2.60 11.78
C TYR B 182 -26.50 -2.63 12.36
N LEU B 183 -25.81 -1.50 12.30
CA LEU B 183 -24.47 -1.39 12.87
C LEU B 183 -24.55 -1.22 14.38
N ASP B 184 -23.63 -1.87 15.08
CA ASP B 184 -23.55 -1.75 16.54
C ASP B 184 -22.87 -0.45 16.96
N TYR B 185 -21.83 -0.08 16.22
CA TYR B 185 -21.14 1.19 16.45
C TYR B 185 -20.68 1.76 15.13
N ILE B 186 -20.58 3.08 15.09
CA ILE B 186 -20.21 3.83 13.90
C ILE B 186 -18.95 4.62 14.24
N HIS B 187 -17.83 4.21 13.66
CA HIS B 187 -16.53 4.80 13.95
C HIS B 187 -16.21 5.90 12.94
N VAL B 188 -16.49 7.14 13.31
CA VAL B 188 -16.35 8.26 12.40
C VAL B 188 -14.88 8.71 12.32
N MET B 189 -14.33 8.69 11.12
CA MET B 189 -12.92 8.99 10.88
C MET B 189 -12.71 10.51 10.87
N THR B 190 -12.98 11.15 12.01
CA THR B 190 -12.86 12.59 12.18
C THR B 190 -11.40 13.00 12.36
N TYR B 191 -10.63 12.76 11.31
CA TYR B 191 -9.22 13.15 11.21
C TYR B 191 -8.83 13.11 9.73
N ASP B 192 -7.57 13.41 9.43
CA ASP B 192 -7.10 13.64 8.06
C ASP B 192 -7.99 14.68 7.38
N LEU B 193 -8.41 15.67 8.18
CA LEU B 193 -9.33 16.71 7.71
C LEU B 193 -8.61 17.79 6.90
N HIS B 194 -7.29 17.87 7.08
CA HIS B 194 -6.42 18.72 6.28
C HIS B 194 -5.12 17.96 6.01
N GLY B 195 -4.42 18.37 4.96
CA GLY B 195 -3.14 17.77 4.62
C GLY B 195 -2.46 18.54 3.51
N SER B 196 -1.21 18.15 3.21
CA SER B 196 -0.37 18.87 2.25
C SER B 196 -0.95 18.91 0.83
N TRP B 197 -1.82 17.96 0.53
CA TRP B 197 -2.52 17.93 -0.76
C TRP B 197 -3.29 19.22 -1.04
N GLU B 198 -3.61 19.95 0.02
CA GLU B 198 -4.37 21.21 -0.08
C GLU B 198 -3.50 22.43 -0.40
N GLY B 199 -2.20 22.32 -0.18
CA GLY B 199 -1.26 23.39 -0.49
C GLY B 199 -1.14 24.47 0.56
N TYR B 200 -1.78 24.24 1.72
CA TYR B 200 -1.72 25.15 2.86
C TYR B 200 -1.71 24.36 4.17
N THR B 201 -1.14 24.95 5.22
CA THR B 201 -1.18 24.33 6.55
C THR B 201 -2.62 24.23 7.07
N GLY B 202 -2.90 23.13 7.75
CA GLY B 202 -4.21 22.90 8.34
C GLY B 202 -4.10 21.79 9.37
N GLU B 203 -5.05 21.76 10.29
CA GLU B 203 -5.02 20.80 11.39
C GLU B 203 -5.58 19.43 10.99
N ASN B 204 -5.00 18.38 11.57
CA ASN B 204 -5.41 17.01 11.33
C ASN B 204 -6.84 16.73 11.80
N SER B 205 -7.12 17.12 13.03
CA SER B 205 -8.40 16.82 13.66
C SER B 205 -8.88 18.00 14.51
N PRO B 206 -9.15 19.16 13.86
CA PRO B 206 -9.60 20.31 14.62
C PRO B 206 -11.01 20.08 15.18
N LEU B 207 -11.25 20.54 16.40
CA LEU B 207 -12.56 20.38 17.03
C LEU B 207 -13.60 21.27 16.35
N TYR B 208 -13.22 22.53 16.12
CA TYR B 208 -14.10 23.52 15.51
C TYR B 208 -13.42 24.12 14.28
N LYS B 209 -14.16 24.93 13.54
CA LYS B 209 -13.58 25.59 12.38
C LYS B 209 -12.61 26.69 12.79
N TYR B 210 -11.63 26.95 11.93
CA TYR B 210 -10.79 28.13 12.04
C TYR B 210 -11.60 29.31 11.49
N PRO B 211 -11.43 30.52 12.07
CA PRO B 211 -12.28 31.65 11.64
C PRO B 211 -12.29 31.90 10.13
N THR B 212 -11.19 31.59 9.43
CA THR B 212 -11.12 31.82 7.99
C THR B 212 -11.80 30.71 7.16
N ASP B 213 -12.21 29.62 7.81
CA ASP B 213 -12.89 28.53 7.12
C ASP B 213 -14.29 28.96 6.70
N THR B 214 -14.50 29.12 5.39
CA THR B 214 -15.81 29.44 4.83
C THR B 214 -16.17 28.45 3.72
N GLY B 215 -17.40 28.51 3.24
CA GLY B 215 -17.89 27.55 2.24
C GLY B 215 -17.72 26.11 2.72
N SER B 216 -17.23 25.24 1.83
CA SER B 216 -17.04 23.83 2.17
C SER B 216 -15.94 23.58 3.21
N ASN B 217 -15.00 24.52 3.36
CA ASN B 217 -13.98 24.46 4.41
C ASN B 217 -14.59 24.48 5.83
N ALA B 218 -15.78 25.06 5.95
CA ALA B 218 -16.46 25.16 7.25
C ALA B 218 -16.91 23.80 7.81
N TYR B 219 -16.83 22.77 6.96
CA TYR B 219 -17.26 21.42 7.32
C TYR B 219 -16.12 20.57 7.86
N LEU B 220 -14.90 21.08 7.72
CA LEU B 220 -13.69 20.32 8.02
C LEU B 220 -13.28 20.40 9.49
N ASN B 221 -14.18 19.95 10.35
CA ASN B 221 -13.93 19.88 11.79
C ASN B 221 -14.74 18.79 12.47
N VAL B 222 -14.24 18.31 13.60
CA VAL B 222 -14.87 17.18 14.32
C VAL B 222 -16.34 17.46 14.65
N ASP B 223 -16.62 18.66 15.18
CA ASP B 223 -17.97 19.05 15.59
C ASP B 223 -18.97 19.00 14.43
N TYR B 224 -18.60 19.56 13.28
CA TYR B 224 -19.50 19.55 12.13
C TYR B 224 -19.80 18.13 11.65
N VAL B 225 -18.75 17.31 11.55
CA VAL B 225 -18.89 15.95 11.01
C VAL B 225 -19.74 15.06 11.92
N MET B 226 -19.44 15.06 13.22
CA MET B 226 -20.21 14.26 14.19
C MET B 226 -21.68 14.65 14.18
N ASN B 227 -21.95 15.95 14.18
CA ASN B 227 -23.33 16.45 14.12
C ASN B 227 -24.00 16.20 12.77
N TYR B 228 -23.20 16.12 11.70
CA TYR B 228 -23.74 15.76 10.39
C TYR B 228 -24.25 14.32 10.41
N TRP B 229 -23.43 13.41 10.93
CA TRP B 229 -23.81 12.00 11.07
C TRP B 229 -25.05 11.82 11.95
N LYS B 230 -25.09 12.50 13.09
CA LYS B 230 -26.25 12.45 13.98
C LYS B 230 -27.52 13.00 13.32
N ASP B 231 -27.41 14.21 12.78
CA ASP B 231 -28.55 14.88 12.14
C ASP B 231 -29.13 14.07 10.98
N ASN B 232 -28.29 13.28 10.32
CA ASN B 232 -28.72 12.52 9.16
C ASN B 232 -28.99 11.03 9.38
N GLY B 233 -29.07 10.61 10.65
CA GLY B 233 -29.66 9.30 10.96
C GLY B 233 -28.97 8.38 11.96
N ALA B 234 -27.76 8.74 12.38
CA ALA B 234 -27.03 7.88 13.30
C ALA B 234 -27.34 8.24 14.75
N PRO B 235 -27.81 7.27 15.54
CA PRO B 235 -28.06 7.56 16.96
C PRO B 235 -26.76 8.00 17.64
N ALA B 236 -26.84 9.06 18.44
CA ALA B 236 -25.68 9.58 19.17
C ALA B 236 -24.95 8.48 19.95
N GLU B 237 -25.71 7.57 20.55
CA GLU B 237 -25.16 6.47 21.35
C GLU B 237 -24.33 5.46 20.56
N LYS B 238 -24.57 5.37 19.24
CA LYS B 238 -23.80 4.49 18.36
C LYS B 238 -22.60 5.22 17.74
N LEU B 239 -22.63 6.54 17.80
CA LEU B 239 -21.59 7.36 17.18
C LEU B 239 -20.33 7.42 18.02
N ILE B 240 -19.21 7.07 17.39
CA ILE B 240 -17.93 7.01 18.08
C ILE B 240 -16.96 7.99 17.42
N VAL B 241 -16.46 8.94 18.21
CA VAL B 241 -15.60 10.01 17.71
C VAL B 241 -14.17 9.54 17.46
N GLY B 242 -13.63 9.88 16.29
CA GLY B 242 -12.26 9.50 15.92
C GLY B 242 -11.20 10.42 16.50
N PHE B 243 -10.21 9.82 17.17
CA PHE B 243 -9.10 10.51 17.81
C PHE B 243 -7.78 10.01 17.23
N PRO B 244 -6.98 10.91 16.62
CA PRO B 244 -5.69 10.52 16.07
C PRO B 244 -4.48 10.67 17.01
N THR B 245 -3.71 9.60 17.16
CA THR B 245 -2.44 9.66 17.88
C THR B 245 -1.27 9.88 16.91
N TYR B 246 -1.52 10.68 15.88
CA TYR B 246 -0.53 11.07 14.88
C TYR B 246 -0.90 12.46 14.37
N GLY B 247 0.04 13.11 13.70
CA GLY B 247 -0.23 14.38 13.03
C GLY B 247 0.17 14.37 11.57
N HIS B 248 -0.26 15.38 10.82
CA HIS B 248 0.19 15.59 9.45
C HIS B 248 1.19 16.74 9.43
N ASN B 249 2.29 16.55 8.70
CA ASN B 249 3.28 17.61 8.58
C ASN B 249 3.39 18.15 7.15
N PHE B 250 4.06 19.29 7.03
CA PHE B 250 4.07 20.08 5.80
C PHE B 250 5.44 20.71 5.62
N ILE B 251 5.82 20.99 4.38
CA ILE B 251 6.95 21.87 4.11
C ILE B 251 6.42 23.29 3.85
N LEU B 252 6.81 24.22 4.70
CA LEU B 252 6.41 25.62 4.56
C LEU B 252 7.09 26.27 3.35
N SER B 253 6.29 26.96 2.52
CA SER B 253 6.82 27.73 1.40
C SER B 253 7.64 28.92 1.91
N ASN B 254 7.27 29.40 3.10
CA ASN B 254 7.96 30.49 3.75
C ASN B 254 8.05 30.21 5.25
N PRO B 255 9.28 29.98 5.77
CA PRO B 255 9.50 29.68 7.19
C PRO B 255 9.05 30.80 8.13
N SER B 256 8.82 32.00 7.60
CA SER B 256 8.34 33.12 8.39
C SER B 256 6.80 33.15 8.50
N ASN B 257 6.14 32.36 7.65
CA ASN B 257 4.69 32.25 7.68
C ASN B 257 4.28 30.89 8.25
N THR B 258 3.85 30.89 9.51
CA THR B 258 3.68 29.66 10.29
C THR B 258 2.29 29.46 10.89
N GLY B 259 1.33 30.27 10.47
CA GLY B 259 -0.05 30.15 11.01
C GLY B 259 -0.87 29.13 10.24
N ILE B 260 -2.14 29.00 10.63
CA ILE B 260 -3.08 28.14 9.91
C ILE B 260 -3.40 28.77 8.54
N GLY B 261 -3.26 27.99 7.48
CA GLY B 261 -3.51 28.47 6.13
C GLY B 261 -2.29 29.06 5.45
N ALA B 262 -1.12 28.90 6.07
CA ALA B 262 0.16 29.31 5.48
C ALA B 262 0.49 28.44 4.26
N PRO B 263 1.07 29.05 3.20
CA PRO B 263 1.38 28.30 1.98
C PRO B 263 2.39 27.18 2.22
N THR B 264 2.14 26.02 1.62
CA THR B 264 3.06 24.88 1.72
C THR B 264 3.45 24.37 0.34
N SER B 265 4.59 23.67 0.27
CA SER B 265 5.13 23.18 -1.00
C SER B 265 5.01 21.66 -1.16
N GLY B 266 4.59 20.97 -0.11
CA GLY B 266 4.44 19.52 -0.15
C GLY B 266 4.35 18.88 1.22
N ALA B 267 4.27 17.54 1.23
CA ALA B 267 4.21 16.77 2.47
C ALA B 267 5.51 16.93 3.26
N GLY B 268 5.39 16.97 4.58
CA GLY B 268 6.57 17.07 5.45
C GLY B 268 7.34 15.77 5.49
N PRO B 269 8.52 15.79 6.16
CA PRO B 269 9.39 14.62 6.14
C PRO B 269 8.84 13.40 6.89
N ALA B 270 9.12 12.21 6.36
CA ALA B 270 8.79 10.97 7.05
C ALA B 270 9.57 10.88 8.37
N GLY B 271 8.92 10.35 9.40
CA GLY B 271 9.58 10.14 10.69
C GLY B 271 10.54 8.96 10.63
N PRO B 272 11.51 8.90 11.57
CA PRO B 272 12.51 7.83 11.51
C PRO B 272 12.01 6.46 12.01
N TYR B 273 10.79 6.40 12.54
CA TYR B 273 10.22 5.14 13.03
C TYR B 273 9.07 4.60 12.16
N ALA B 274 8.04 5.42 11.97
CA ALA B 274 6.89 5.05 11.14
C ALA B 274 7.21 5.13 9.64
N LYS B 275 8.16 6.00 9.28
CA LYS B 275 8.62 6.13 7.90
C LYS B 275 7.49 6.52 6.93
N GLU B 276 6.57 7.36 7.40
CA GLU B 276 5.42 7.79 6.61
C GLU B 276 5.55 9.23 6.10
N SER B 277 5.56 9.39 4.78
CA SER B 277 5.55 10.72 4.17
C SER B 277 4.37 11.51 4.72
N GLY B 278 4.65 12.73 5.18
CA GLY B 278 3.61 13.66 5.58
C GLY B 278 2.92 13.34 6.90
N ILE B 279 3.44 12.34 7.62
CA ILE B 279 2.79 11.87 8.84
C ILE B 279 3.83 11.57 9.92
N TRP B 280 3.59 12.09 11.13
CA TRP B 280 4.38 11.71 12.31
C TRP B 280 3.52 11.08 13.40
N ALA B 281 3.99 9.96 13.95
CA ALA B 281 3.39 9.39 15.14
C ALA B 281 3.56 10.40 16.27
N TYR B 282 2.65 10.34 17.25
CA TYR B 282 2.74 11.25 18.39
C TYR B 282 4.12 11.22 19.06
N TYR B 283 4.66 10.01 19.25
CA TYR B 283 5.99 9.87 19.85
C TYR B 283 7.11 10.47 18.99
N GLU B 284 6.92 10.45 17.67
CA GLU B 284 7.83 11.13 16.74
C GLU B 284 7.70 12.65 16.86
N ILE B 285 6.48 13.13 17.04
CA ILE B 285 6.26 14.55 17.28
C ILE B 285 6.95 14.97 18.59
N CYS B 286 6.91 14.10 19.58
CA CYS B 286 7.56 14.41 20.86
C CYS B 286 9.06 14.65 20.73
N THR B 287 9.73 13.90 19.85
CA THR B 287 11.14 14.14 19.53
C THR B 287 11.31 15.57 18.98
N PHE B 288 10.44 15.92 18.03
CA PHE B 288 10.39 17.24 17.43
C PHE B 288 10.29 18.35 18.50
N LEU B 289 9.41 18.16 19.48
CA LEU B 289 9.21 19.17 20.53
C LEU B 289 10.37 19.22 21.53
N LYS B 290 10.90 18.04 21.87
CA LYS B 290 12.04 17.91 22.77
C LYS B 290 13.28 18.63 22.28
N ASN B 291 13.47 18.64 20.97
CA ASN B 291 14.68 19.21 20.37
C ASN B 291 14.52 20.65 19.88
N GLY B 292 13.50 21.32 20.39
CA GLY B 292 13.39 22.77 20.25
C GLY B 292 12.39 23.33 19.26
N ALA B 293 11.52 22.50 18.70
CA ALA B 293 10.46 23.02 17.82
C ALA B 293 9.64 24.09 18.53
N THR B 294 9.23 25.12 17.78
CA THR B 294 8.39 26.16 18.34
C THR B 294 6.96 25.66 18.42
N GLN B 295 6.37 25.80 19.60
CA GLN B 295 5.03 25.31 19.87
C GLN B 295 3.98 26.40 19.68
N GLY B 296 2.91 26.05 18.97
CA GLY B 296 1.77 26.92 18.80
C GLY B 296 0.52 26.27 19.36
N TRP B 297 -0.47 27.10 19.68
CA TRP B 297 -1.78 26.59 20.05
C TRP B 297 -2.83 27.25 19.16
N ASP B 298 -3.61 26.43 18.47
CA ASP B 298 -4.70 26.87 17.60
C ASP B 298 -5.96 26.96 18.47
N ALA B 299 -6.15 28.11 19.12
CA ALA B 299 -7.24 28.28 20.08
C ALA B 299 -8.64 28.03 19.52
N PRO B 300 -8.96 28.61 18.33
CA PRO B 300 -10.31 28.40 17.78
C PRO B 300 -10.64 26.93 17.55
N GLN B 301 -9.63 26.12 17.24
CA GLN B 301 -9.84 24.72 16.89
C GLN B 301 -9.43 23.74 18.00
N GLU B 302 -8.87 24.28 19.08
CA GLU B 302 -8.51 23.54 20.30
C GLU B 302 -7.49 22.43 20.07
N VAL B 303 -6.51 22.69 19.21
CA VAL B 303 -5.48 21.72 18.89
C VAL B 303 -4.12 22.40 18.79
N PRO B 304 -3.04 21.66 19.10
CA PRO B 304 -1.71 22.23 18.99
C PRO B 304 -1.12 22.13 17.58
N TYR B 305 -0.12 22.95 17.31
CA TYR B 305 0.77 22.76 16.17
C TYR B 305 2.18 23.13 16.58
N ALA B 306 3.15 22.78 15.73
CA ALA B 306 4.54 23.08 16.00
C ALA B 306 5.31 23.24 14.69
N TYR B 307 6.39 24.00 14.75
CA TYR B 307 7.19 24.28 13.56
C TYR B 307 8.64 24.56 13.90
N GLN B 308 9.52 24.24 12.94
CA GLN B 308 10.94 24.48 13.05
C GLN B 308 11.50 24.46 11.63
N GLY B 309 12.22 25.52 11.26
CA GLY B 309 12.69 25.68 9.90
C GLY B 309 11.52 25.67 8.93
N ASN B 310 11.61 24.83 7.90
CA ASN B 310 10.53 24.70 6.91
C ASN B 310 9.51 23.59 7.21
N VAL B 311 9.55 23.02 8.42
CA VAL B 311 8.65 21.94 8.80
C VAL B 311 7.58 22.43 9.78
N TRP B 312 6.33 22.11 9.47
CA TRP B 312 5.16 22.52 10.26
C TRP B 312 4.30 21.29 10.44
N VAL B 313 3.84 21.05 11.66
CA VAL B 313 3.02 19.86 11.96
C VAL B 313 1.75 20.23 12.73
N GLY B 314 0.62 19.72 12.25
CA GLY B 314 -0.66 19.86 12.96
C GLY B 314 -0.98 18.52 13.59
N TYR B 315 -1.27 18.54 14.89
CA TYR B 315 -1.41 17.29 15.65
C TYR B 315 -2.35 17.39 16.85
N ASP B 316 -2.31 16.35 17.69
CA ASP B 316 -3.06 16.30 18.94
C ASP B 316 -2.14 15.94 20.09
N ASN B 317 -2.44 16.53 21.26
CA ASN B 317 -1.68 16.23 22.47
C ASN B 317 -2.61 15.90 23.63
N VAL B 318 -2.06 15.84 24.84
CA VAL B 318 -2.85 15.53 26.02
C VAL B 318 -3.97 16.57 26.20
N LYS B 319 -3.62 17.85 26.02
CA LYS B 319 -4.55 18.95 26.19
C LYS B 319 -5.74 18.87 25.23
N SER B 320 -5.45 18.65 23.95
CA SER B 320 -6.51 18.60 22.94
C SER B 320 -7.37 17.35 23.07
N PHE B 321 -6.75 16.21 23.42
CA PHE B 321 -7.49 14.98 23.67
C PHE B 321 -8.45 15.15 24.85
N ASP B 322 -8.00 15.84 25.89
CA ASP B 322 -8.82 16.11 27.06
C ASP B 322 -10.01 17.02 26.71
N ILE B 323 -9.72 18.11 25.98
CA ILE B 323 -10.76 19.07 25.54
C ILE B 323 -11.84 18.40 24.67
N LYS B 324 -11.41 17.59 23.72
CA LYS B 324 -12.33 16.85 22.85
C LYS B 324 -13.15 15.81 23.62
N ALA B 325 -12.52 15.16 24.59
CA ALA B 325 -13.21 14.21 25.46
C ALA B 325 -14.32 14.87 26.27
N GLN B 326 -14.06 16.08 26.78
CA GLN B 326 -15.09 16.82 27.50
C GLN B 326 -16.23 17.20 26.55
N TRP B 327 -15.88 17.66 25.35
CA TRP B 327 -16.87 17.99 24.30
C TRP B 327 -17.75 16.79 23.97
N LEU B 328 -17.11 15.63 23.79
CA LEU B 328 -17.78 14.37 23.52
C LEU B 328 -18.85 14.05 24.57
N LYS B 329 -18.48 14.21 25.85
CA LYS B 329 -19.38 13.98 26.97
C LYS B 329 -20.57 14.96 26.96
N HIS B 330 -20.29 16.24 26.70
CA HIS B 330 -21.34 17.25 26.67
C HIS B 330 -22.35 17.01 25.56
N ASN B 331 -21.87 16.41 24.48
CA ASN B 331 -22.71 16.06 23.34
C ASN B 331 -23.31 14.64 23.43
N LYS B 332 -22.88 13.90 24.44
CA LYS B 332 -23.41 12.57 24.78
C LYS B 332 -23.30 11.53 23.65
N PHE B 333 -22.16 11.54 22.97
CA PHE B 333 -21.88 10.52 21.97
C PHE B 333 -21.53 9.19 22.65
N GLY B 334 -21.44 8.12 21.87
CA GLY B 334 -21.20 6.78 22.42
C GLY B 334 -19.83 6.58 23.03
N GLY B 335 -18.88 7.40 22.63
CA GLY B 335 -17.50 7.29 23.11
C GLY B 335 -16.49 7.70 22.04
N ALA B 336 -15.28 7.16 22.17
CA ALA B 336 -14.17 7.55 21.31
C ALA B 336 -13.46 6.34 20.74
N MET B 337 -12.95 6.49 19.52
CA MET B 337 -12.04 5.50 18.94
C MET B 337 -10.70 6.14 18.65
N VAL B 338 -9.64 5.33 18.64
CA VAL B 338 -8.28 5.83 18.52
C VAL B 338 -7.52 5.15 17.39
N TRP B 339 -7.04 5.95 16.45
CA TRP B 339 -6.09 5.49 15.45
C TRP B 339 -4.75 6.15 15.75
N ALA B 340 -3.76 5.40 16.24
CA ALA B 340 -3.87 3.99 16.58
C ALA B 340 -3.05 3.80 17.85
N ILE B 341 -3.28 2.67 18.54
CA ILE B 341 -2.57 2.38 19.79
C ILE B 341 -1.03 2.38 19.64
N ASP B 342 -0.55 1.89 18.51
CA ASP B 342 0.89 1.77 18.23
C ASP B 342 1.56 3.11 17.89
N LEU B 343 0.76 4.17 17.78
CA LEU B 343 1.27 5.50 17.46
C LEU B 343 1.33 6.44 18.67
N ASP B 344 0.58 6.09 19.72
CA ASP B 344 0.69 6.75 21.03
C ASP B 344 2.09 6.46 21.60
N ASP B 345 2.53 7.23 22.58
CA ASP B 345 3.83 7.00 23.22
C ASP B 345 3.75 5.82 24.18
N PHE B 346 3.68 4.61 23.61
CA PHE B 346 3.48 3.39 24.39
C PHE B 346 4.62 3.05 25.35
N THR B 347 5.85 3.40 24.98
CA THR B 347 7.00 3.19 25.87
C THR B 347 7.06 4.25 26.97
N GLY B 348 6.47 5.41 26.70
CA GLY B 348 6.50 6.54 27.62
C GLY B 348 7.81 7.33 27.57
N THR B 349 8.76 6.88 26.75
CA THR B 349 10.12 7.43 26.74
C THR B 349 10.32 8.63 25.80
N PHE B 350 9.37 8.85 24.89
CA PHE B 350 9.47 9.93 23.92
C PHE B 350 8.88 11.24 24.44
N CYS B 351 7.69 11.15 25.01
CA CYS B 351 6.95 12.31 25.51
C CYS B 351 7.15 12.52 27.01
N ASN B 352 7.48 11.44 27.72
CA ASN B 352 7.72 11.47 29.17
C ASN B 352 6.48 11.88 29.98
N GLN B 353 5.30 11.48 29.49
CA GLN B 353 4.02 11.81 30.11
C GLN B 353 3.32 10.55 30.61
N GLY B 354 4.11 9.49 30.83
CA GLY B 354 3.56 8.18 31.18
C GLY B 354 3.34 7.34 29.93
N LYS B 355 3.13 6.04 30.12
CA LYS B 355 2.87 5.15 29.00
C LYS B 355 1.46 5.35 28.46
N PHE B 356 1.35 5.36 27.12
CA PHE B 356 0.09 5.62 26.42
C PHE B 356 -0.57 6.93 26.89
N PRO B 357 0.15 8.06 26.83
CA PRO B 357 -0.37 9.29 27.44
C PRO B 357 -1.68 9.78 26.80
N LEU B 358 -1.78 9.67 25.48
CA LEU B 358 -2.98 10.12 24.76
C LEU B 358 -4.20 9.25 25.06
N ILE B 359 -4.04 7.94 24.97
CA ILE B 359 -5.15 7.03 25.28
C ILE B 359 -5.49 7.05 26.77
N SER B 360 -4.46 7.19 27.63
CA SER B 360 -4.68 7.30 29.08
C SER B 360 -5.52 8.52 29.42
N THR B 361 -5.29 9.62 28.69
CA THR B 361 -6.05 10.86 28.85
C THR B 361 -7.54 10.64 28.58
N LEU B 362 -7.85 9.88 27.53
CA LEU B 362 -9.24 9.54 27.19
C LEU B 362 -9.87 8.62 28.23
N LYS B 363 -9.14 7.60 28.67
CA LYS B 363 -9.61 6.68 29.71
C LYS B 363 -10.05 7.44 30.97
N LYS B 364 -9.20 8.35 31.42
CA LYS B 364 -9.49 9.20 32.57
C LYS B 364 -10.67 10.14 32.30
N ALA B 365 -10.59 10.89 31.19
CA ALA B 365 -11.62 11.88 30.86
C ALA B 365 -13.02 11.29 30.66
N LEU B 366 -13.08 10.06 30.15
CA LEU B 366 -14.36 9.39 29.88
C LEU B 366 -14.85 8.57 31.08
N GLY B 367 -14.19 8.74 32.22
CA GLY B 367 -14.61 8.09 33.46
C GLY B 367 -14.48 6.58 33.44
N LEU B 368 -13.45 6.08 32.77
CA LEU B 368 -13.21 4.66 32.63
C LEU B 368 -12.03 4.17 33.46
N GLN B 369 -11.36 5.08 34.16
CA GLN B 369 -10.12 4.77 34.89
C GLN B 369 -10.31 3.67 35.95
N SER B 370 -11.46 3.68 36.62
CA SER B 370 -11.80 2.67 37.63
C SER B 370 -12.52 1.45 37.02
N ALA B 371 -12.34 1.25 35.70
CA ALA B 371 -12.98 0.14 35.00
C ALA B 371 -12.46 -1.22 35.45
N SER B 372 -13.28 -2.26 35.26
CA SER B 372 -12.92 -3.62 35.63
C SER B 372 -11.83 -4.17 34.72
N CYS B 373 -10.76 -4.66 35.32
CA CYS B 373 -9.68 -5.32 34.59
C CYS B 373 -9.07 -6.45 35.42
#